data_1VB9
#
_entry.id   1VB9
#
_cell.length_a   113.049
_cell.length_b   118.274
_cell.length_c   112.107
_cell.angle_alpha   90.00
_cell.angle_beta   90.00
_cell.angle_gamma   90.00
#
_symmetry.space_group_name_H-M   'P 21 21 21'
#
loop_
_entity.id
_entity.type
_entity.pdbx_description
1 polymer 'alpha-amylase II'
2 branched alpha-D-glucopyranose-(1-6)-alpha-D-glucopyranose-(1-4)-alpha-D-glucopyranose-(1-4)-[alpha-D-glucopyranose-(1-6)]alpha-D-glucopyranose-(1-4)-alpha-D-glucopyranose
3 non-polymer 'CALCIUM ION'
4 water water
#
_entity_poly.entity_id   1
_entity_poly.type   'polypeptide(L)'
_entity_poly.pdbx_seq_one_letter_code
;MLLEAIFHEAKGSYAYPISETQLRVRLRAKKGDVVRCEVLYADRYASPEEELAHALAGKAGSDERFDYFEALLECSTKRV
KYVFLLTGPQGEAVYFGETGFSAERSKAGVFQYAYIHRSEVFTTPEWAKEAVIYQIFPERFANGDPSNDPPGTEQWAKDA
RPRHDSFYGGDLKGVIDRLPYLEELGVTALYFTPIFASPSHHKYDTADYLAIDPQFGDLPTFRRLVDEAHRRGIKIILDA
VFNHAGDQFFAFRDVLQKGEQSRYKDWFFIEDFPVSKTSRTNYETFAVQVPAMPKLRTENPEVKEYLFDVARFWMEQGID
GWRLNVANEVDHAFWREFRRLVKSLNPDALIVGEIWHDASGWLMGDQFDSVMNYLFRESVIRFFATGEIHAERFDAELTR
ARMLYPEQAAQGLWNLLDSHDTERFLTSCGGNEAKFRLAVLFQMTYLGTPLIYYGDEIGMAGATDPDCRRPMIWEEKEQN
RGLFEFYKELIRLRHRLASLTRGNVRSWHADKQANLYAFVRTVQDQHVGVVLNNRGEKQTVLLQVPESGGKTWLDCLTGE
EVHGKQGQLKLTLRPYQGMILWNGR
;
_entity_poly.pdbx_strand_id   A,B
#
# COMPACT_ATOMS: atom_id res chain seq x y z
N MET A 1 -11.26 25.95 9.90
CA MET A 1 -11.41 24.49 9.67
C MET A 1 -10.36 23.72 10.46
N LEU A 2 -10.70 22.51 10.87
CA LEU A 2 -9.77 21.66 11.61
C LEU A 2 -8.81 20.96 10.67
N LEU A 3 -7.58 21.46 10.64
CA LEU A 3 -6.56 20.89 9.76
C LEU A 3 -6.23 19.46 10.18
N GLU A 4 -6.35 19.17 11.47
CA GLU A 4 -6.06 17.84 12.00
C GLU A 4 -6.95 16.75 11.39
N ALA A 5 -8.08 17.16 10.81
CA ALA A 5 -9.01 16.20 10.22
C ALA A 5 -8.90 16.11 8.71
N ILE A 6 -8.01 16.88 8.11
CA ILE A 6 -7.85 16.85 6.66
C ILE A 6 -6.80 15.83 6.25
N PHE A 7 -7.13 15.01 5.26
CA PHE A 7 -6.20 14.00 4.82
C PHE A 7 -6.21 13.64 3.34
N HIS A 8 -5.02 13.33 2.83
CA HIS A 8 -4.81 12.88 1.46
C HIS A 8 -3.42 12.27 1.33
N GLU A 9 -3.30 11.27 0.46
CA GLU A 9 -2.03 10.64 0.18
C GLU A 9 -2.07 10.29 -1.28
N ALA A 10 -0.94 10.46 -1.97
CA ALA A 10 -0.87 10.18 -3.39
C ALA A 10 -0.70 8.70 -3.68
N LYS A 11 -1.63 7.90 -3.18
CA LYS A 11 -1.58 6.45 -3.39
C LYS A 11 -2.83 5.79 -2.81
N GLY A 12 -2.88 4.46 -2.89
CA GLY A 12 -4.00 3.71 -2.36
C GLY A 12 -5.36 4.09 -2.91
N SER A 13 -6.27 4.43 -2.00
CA SER A 13 -7.62 4.81 -2.37
C SER A 13 -7.83 6.32 -2.50
N TYR A 14 -6.78 7.09 -2.24
CA TYR A 14 -6.90 8.55 -2.32
C TYR A 14 -6.31 9.14 -3.60
N ALA A 15 -5.57 8.33 -4.34
CA ALA A 15 -4.98 8.75 -5.60
C ALA A 15 -4.63 7.49 -6.37
N TYR A 16 -5.31 7.29 -7.49
CA TYR A 16 -5.10 6.14 -8.35
C TYR A 16 -5.65 6.46 -9.72
N PRO A 17 -5.02 5.91 -10.77
CA PRO A 17 -5.50 6.17 -12.13
C PRO A 17 -6.71 5.33 -12.50
N ILE A 18 -7.56 5.88 -13.36
CA ILE A 18 -8.73 5.16 -13.85
C ILE A 18 -8.50 4.88 -15.33
N SER A 19 -7.42 5.46 -15.86
CA SER A 19 -7.00 5.25 -17.24
C SER A 19 -5.55 5.70 -17.30
N GLU A 20 -4.89 5.46 -18.42
CA GLU A 20 -3.49 5.84 -18.55
C GLU A 20 -3.20 7.33 -18.42
N THR A 21 -4.22 8.18 -18.60
CA THR A 21 -4.04 9.62 -18.52
C THR A 21 -4.97 10.33 -17.55
N GLN A 22 -5.69 9.59 -16.72
CA GLN A 22 -6.59 10.22 -15.76
C GLN A 22 -6.40 9.69 -14.34
N LEU A 23 -6.21 10.62 -13.41
CA LEU A 23 -6.01 10.25 -12.02
C LEU A 23 -7.16 10.70 -11.12
N ARG A 24 -7.78 9.74 -10.43
CA ARG A 24 -8.83 10.07 -9.49
C ARG A 24 -8.13 10.41 -8.19
N VAL A 25 -8.52 11.51 -7.56
CA VAL A 25 -7.93 11.89 -6.28
C VAL A 25 -9.06 12.16 -5.30
N ARG A 26 -8.83 11.84 -4.03
CA ARG A 26 -9.85 12.07 -3.03
C ARG A 26 -9.24 12.74 -1.81
N LEU A 27 -10.07 13.47 -1.07
CA LEU A 27 -9.63 14.16 0.13
C LEU A 27 -10.73 14.17 1.16
N ARG A 28 -10.38 13.97 2.42
CA ARG A 28 -11.39 14.02 3.46
C ARG A 28 -11.07 15.16 4.41
N ALA A 29 -12.11 15.73 4.99
CA ALA A 29 -11.97 16.82 5.94
C ALA A 29 -13.10 16.66 6.93
N LYS A 30 -13.00 17.31 8.08
CA LYS A 30 -14.06 17.23 9.08
C LYS A 30 -15.35 17.65 8.37
N LYS A 31 -16.41 16.87 8.56
CA LYS A 31 -17.70 17.15 7.94
C LYS A 31 -18.15 18.59 8.13
N GLY A 32 -18.49 19.25 7.02
CA GLY A 32 -18.96 20.64 7.08
C GLY A 32 -17.88 21.72 7.08
N ASP A 33 -16.63 21.33 7.26
CA ASP A 33 -15.50 22.27 7.29
C ASP A 33 -15.17 22.89 5.94
N VAL A 34 -15.26 22.07 4.89
CA VAL A 34 -14.94 22.54 3.55
C VAL A 34 -16.17 22.58 2.67
N VAL A 35 -16.35 23.71 1.99
CA VAL A 35 -17.49 23.90 1.10
C VAL A 35 -17.04 23.84 -0.34
N ARG A 36 -15.74 24.06 -0.55
CA ARG A 36 -15.19 24.04 -1.89
C ARG A 36 -13.78 23.44 -1.86
N CYS A 37 -13.56 22.43 -2.69
CA CYS A 37 -12.28 21.74 -2.78
C CYS A 37 -11.85 21.71 -4.23
N GLU A 38 -10.79 22.46 -4.55
CA GLU A 38 -10.30 22.53 -5.92
C GLU A 38 -8.86 22.04 -5.99
N VAL A 39 -8.51 21.39 -7.11
CA VAL A 39 -7.16 20.90 -7.29
C VAL A 39 -6.44 21.69 -8.37
N LEU A 40 -5.26 22.19 -8.04
CA LEU A 40 -4.44 22.93 -9.01
C LEU A 40 -3.30 21.99 -9.35
N TYR A 41 -3.19 21.63 -10.62
CA TYR A 41 -2.16 20.69 -11.03
C TYR A 41 -1.46 20.97 -12.35
N ALA A 42 -0.35 20.25 -12.55
CA ALA A 42 0.45 20.41 -13.76
C ALA A 42 1.39 19.21 -13.91
N ASP A 43 2.07 19.14 -15.05
CA ASP A 43 3.02 18.07 -15.28
C ASP A 43 4.12 18.21 -14.25
N ARG A 44 4.70 17.11 -13.81
CA ARG A 44 5.74 17.16 -12.79
C ARG A 44 6.97 17.96 -13.19
N TYR A 45 7.24 18.07 -14.48
CA TYR A 45 8.40 18.82 -14.96
C TYR A 45 8.03 20.18 -15.56
N ALA A 46 6.82 20.65 -15.26
CA ALA A 46 6.37 21.94 -15.77
C ALA A 46 7.15 23.08 -15.14
N SER A 47 7.46 24.09 -15.94
CA SER A 47 8.19 25.26 -15.46
C SER A 47 7.30 26.03 -14.49
N PRO A 48 7.90 26.66 -13.47
CA PRO A 48 7.13 27.42 -12.47
C PRO A 48 6.30 28.58 -13.03
N GLU A 49 6.66 29.07 -14.22
CA GLU A 49 5.94 30.18 -14.83
C GLU A 49 4.76 29.70 -15.67
N GLU A 50 4.58 28.38 -15.76
CA GLU A 50 3.49 27.82 -16.56
C GLU A 50 2.14 27.90 -15.84
N GLU A 51 1.07 27.96 -16.61
CA GLU A 51 -0.28 28.03 -16.06
C GLU A 51 -0.66 26.68 -15.44
N LEU A 52 -1.42 26.72 -14.36
CA LEU A 52 -1.85 25.49 -13.69
C LEU A 52 -3.26 25.09 -14.12
N ALA A 53 -3.48 23.79 -14.24
CA ALA A 53 -4.78 23.27 -14.61
C ALA A 53 -5.65 23.25 -13.36
N HIS A 54 -6.97 23.35 -13.54
CA HIS A 54 -7.89 23.34 -12.43
C HIS A 54 -8.84 22.16 -12.53
N ALA A 55 -9.24 21.63 -11.38
CA ALA A 55 -10.18 20.52 -11.33
C ALA A 55 -10.99 20.71 -10.06
N LEU A 56 -12.29 20.85 -10.21
CA LEU A 56 -13.16 21.04 -9.06
C LEU A 56 -13.58 19.67 -8.52
N ALA A 57 -13.31 19.43 -7.24
CA ALA A 57 -13.66 18.16 -6.62
C ALA A 57 -15.05 18.26 -6.01
N GLY A 58 -15.95 17.38 -6.45
CA GLY A 58 -17.29 17.39 -5.90
C GLY A 58 -17.31 16.58 -4.61
N LYS A 59 -18.35 16.77 -3.81
CA LYS A 59 -18.49 16.03 -2.57
C LYS A 59 -19.08 14.67 -2.93
N ALA A 60 -18.24 13.63 -2.91
CA ALA A 60 -18.68 12.30 -3.26
C ALA A 60 -19.46 11.60 -2.15
N GLY A 61 -19.40 12.17 -0.94
CA GLY A 61 -20.12 11.58 0.17
C GLY A 61 -19.70 12.11 1.53
N SER A 62 -20.35 11.61 2.56
CA SER A 62 -20.06 12.01 3.93
C SER A 62 -20.37 10.84 4.85
N ASP A 63 -19.49 10.59 5.81
CA ASP A 63 -19.74 9.51 6.75
C ASP A 63 -20.05 10.10 8.12
N GLU A 64 -19.76 9.34 9.16
CA GLU A 64 -20.03 9.77 10.53
C GLU A 64 -19.40 11.13 10.88
N ARG A 65 -18.17 11.36 10.44
CA ARG A 65 -17.50 12.61 10.81
C ARG A 65 -16.72 13.33 9.72
N PHE A 66 -16.74 12.82 8.49
CA PHE A 66 -16.00 13.46 7.41
C PHE A 66 -16.81 13.66 6.14
N ASP A 67 -16.27 14.54 5.30
CA ASP A 67 -16.82 14.82 3.98
C ASP A 67 -15.73 14.24 3.09
N TYR A 68 -16.11 13.63 1.97
CA TYR A 68 -15.13 13.09 1.05
C TYR A 68 -15.26 13.83 -0.27
N PHE A 69 -14.18 14.48 -0.68
CA PHE A 69 -14.15 15.22 -1.94
C PHE A 69 -13.43 14.39 -2.99
N GLU A 70 -13.96 14.40 -4.21
CA GLU A 70 -13.39 13.61 -5.28
C GLU A 70 -13.22 14.43 -6.56
N ALA A 71 -12.09 14.28 -7.21
CA ALA A 71 -11.84 15.01 -8.46
C ALA A 71 -11.13 14.12 -9.45
N LEU A 72 -11.18 14.52 -10.71
CA LEU A 72 -10.53 13.76 -11.76
C LEU A 72 -9.51 14.68 -12.43
N LEU A 73 -8.25 14.24 -12.44
CA LEU A 73 -7.19 15.02 -13.05
C LEU A 73 -6.84 14.48 -14.43
N GLU A 74 -6.89 15.36 -15.43
CA GLU A 74 -6.56 14.98 -16.81
C GLU A 74 -5.05 15.11 -16.95
N CYS A 75 -4.35 13.98 -17.01
CA CYS A 75 -2.89 14.01 -17.10
C CYS A 75 -2.33 13.44 -18.40
N SER A 76 -2.39 14.24 -19.46
CA SER A 76 -1.89 13.81 -20.76
C SER A 76 -0.42 13.41 -20.70
N THR A 77 0.35 14.02 -19.81
CA THR A 77 1.76 13.68 -19.68
C THR A 77 1.95 12.41 -18.85
N LYS A 78 0.89 11.99 -18.16
CA LYS A 78 0.92 10.80 -17.32
C LYS A 78 1.76 11.02 -16.06
N ARG A 79 2.13 12.28 -15.82
CA ARG A 79 2.92 12.66 -14.64
C ARG A 79 2.26 13.90 -14.07
N VAL A 80 1.93 13.89 -12.78
CA VAL A 80 1.26 15.05 -12.20
C VAL A 80 1.68 15.43 -10.79
N LYS A 81 1.74 16.74 -10.56
CA LYS A 81 2.04 17.28 -9.25
C LYS A 81 0.85 18.18 -8.99
N TYR A 82 0.36 18.19 -7.75
CA TYR A 82 -0.83 18.97 -7.46
C TYR A 82 -0.94 19.43 -6.00
N VAL A 83 -1.81 20.42 -5.80
CA VAL A 83 -2.05 20.99 -4.48
C VAL A 83 -3.54 21.29 -4.38
N PHE A 84 -4.08 21.23 -3.16
CA PHE A 84 -5.49 21.49 -2.95
C PHE A 84 -5.73 22.90 -2.41
N LEU A 85 -6.85 23.49 -2.82
CA LEU A 85 -7.24 24.81 -2.35
C LEU A 85 -8.56 24.54 -1.66
N LEU A 86 -8.57 24.68 -0.34
CA LEU A 86 -9.77 24.41 0.44
C LEU A 86 -10.40 25.70 0.93
N THR A 87 -11.71 25.81 0.76
CA THR A 87 -12.44 27.01 1.18
C THR A 87 -13.52 26.63 2.21
N GLY A 88 -13.58 27.38 3.30
CA GLY A 88 -14.55 27.12 4.34
C GLY A 88 -15.86 27.85 4.13
N PRO A 89 -16.88 27.60 4.98
CA PRO A 89 -18.21 28.22 4.91
C PRO A 89 -18.19 29.75 4.89
N GLN A 90 -17.22 30.33 5.59
CA GLN A 90 -17.10 31.79 5.64
C GLN A 90 -16.11 32.37 4.64
N GLY A 91 -15.63 31.53 3.72
CA GLY A 91 -14.70 32.00 2.72
C GLY A 91 -13.24 31.85 3.09
N GLU A 92 -12.94 31.44 4.31
CA GLU A 92 -11.55 31.26 4.70
C GLU A 92 -10.96 30.19 3.78
N ALA A 93 -9.70 30.38 3.39
CA ALA A 93 -9.06 29.43 2.48
C ALA A 93 -7.65 29.06 2.89
N VAL A 94 -7.19 27.92 2.38
CA VAL A 94 -5.85 27.43 2.67
C VAL A 94 -5.43 26.43 1.61
N TYR A 95 -4.14 26.42 1.28
CA TYR A 95 -3.62 25.48 0.31
C TYR A 95 -3.10 24.26 1.09
N PHE A 96 -3.26 23.08 0.50
CA PHE A 96 -2.84 21.84 1.15
C PHE A 96 -2.04 20.98 0.17
N GLY A 97 -0.75 20.81 0.47
CA GLY A 97 0.12 20.02 -0.38
C GLY A 97 0.98 19.07 0.44
N GLU A 98 1.97 18.45 -0.18
CA GLU A 98 2.82 17.49 0.53
C GLU A 98 3.54 18.12 1.74
N THR A 99 3.99 19.36 1.57
CA THR A 99 4.70 20.05 2.64
C THR A 99 3.82 20.38 3.83
N GLY A 100 2.57 20.76 3.57
CA GLY A 100 1.66 21.09 4.65
C GLY A 100 0.55 22.06 4.24
N PHE A 101 0.09 22.84 5.21
CA PHE A 101 -0.95 23.83 4.96
C PHE A 101 -0.35 25.23 4.99
N SER A 102 -0.84 26.09 4.12
CA SER A 102 -0.35 27.46 4.03
C SER A 102 -1.31 28.32 3.23
N ALA A 103 -1.33 29.62 3.55
CA ALA A 103 -2.18 30.56 2.85
C ALA A 103 -1.49 30.90 1.55
N GLU A 104 -0.22 30.55 1.47
CA GLU A 104 0.60 30.79 0.28
C GLU A 104 0.85 29.49 -0.48
N ARG A 105 0.24 29.40 -1.66
CA ARG A 105 0.33 28.20 -2.51
C ARG A 105 1.66 27.47 -2.49
N SER A 106 2.75 28.16 -2.82
CA SER A 106 4.06 27.52 -2.85
C SER A 106 4.48 26.90 -1.53
N LYS A 107 4.09 27.51 -0.41
CA LYS A 107 4.47 26.98 0.89
C LYS A 107 3.80 25.67 1.22
N ALA A 108 2.65 25.41 0.59
CA ALA A 108 1.93 24.16 0.83
C ALA A 108 2.63 22.98 0.16
N GLY A 109 3.51 23.29 -0.78
CA GLY A 109 4.21 22.21 -1.46
C GLY A 109 3.27 21.49 -2.41
N VAL A 110 3.71 20.37 -2.95
CA VAL A 110 2.87 19.66 -3.90
C VAL A 110 2.93 18.15 -3.77
N PHE A 111 1.76 17.50 -3.87
CA PHE A 111 1.70 16.06 -3.83
C PHE A 111 2.12 15.62 -5.23
N GLN A 112 2.64 14.41 -5.36
CA GLN A 112 3.06 13.95 -6.67
C GLN A 112 2.69 12.52 -6.99
N TYR A 113 2.11 12.32 -8.18
CA TYR A 113 1.81 10.97 -8.63
C TYR A 113 2.81 10.88 -9.77
N ALA A 114 3.99 10.39 -9.42
CA ALA A 114 5.12 10.27 -10.32
C ALA A 114 4.84 9.88 -11.77
N TYR A 115 4.15 8.76 -11.96
CA TYR A 115 3.88 8.28 -13.31
C TYR A 115 2.70 7.31 -13.34
N ILE A 116 1.93 7.34 -14.42
CA ILE A 116 0.79 6.44 -14.57
C ILE A 116 1.15 5.38 -15.60
N HIS A 117 1.35 4.14 -15.14
CA HIS A 117 1.68 3.04 -16.04
C HIS A 117 0.38 2.32 -16.41
N ARG A 118 0.20 2.05 -17.70
CA ARG A 118 -1.00 1.36 -18.17
C ARG A 118 -1.24 0.07 -17.38
N SER A 119 -0.16 -0.66 -17.14
CA SER A 119 -0.25 -1.91 -16.41
C SER A 119 -0.74 -1.73 -14.97
N GLU A 120 -0.69 -0.49 -14.45
CA GLU A 120 -1.13 -0.27 -13.09
C GLU A 120 -2.53 0.30 -12.99
N VAL A 121 -3.26 0.30 -14.11
CA VAL A 121 -4.63 0.78 -14.08
C VAL A 121 -5.45 -0.44 -13.66
N PHE A 122 -6.05 -0.35 -12.48
CA PHE A 122 -6.85 -1.43 -11.92
C PHE A 122 -7.96 -1.81 -12.91
N THR A 123 -7.89 -3.03 -13.44
CA THR A 123 -8.88 -3.51 -14.41
C THR A 123 -9.50 -4.84 -13.98
N THR A 124 -10.83 -4.89 -13.98
CA THR A 124 -11.56 -6.09 -13.60
C THR A 124 -12.45 -6.55 -14.76
N PRO A 125 -12.93 -7.81 -14.71
CA PRO A 125 -13.78 -8.33 -15.77
C PRO A 125 -15.09 -7.54 -15.91
N GLU A 126 -15.39 -7.13 -17.14
CA GLU A 126 -16.61 -6.36 -17.41
C GLU A 126 -17.87 -7.09 -16.97
N TRP A 127 -17.96 -8.38 -17.26
CA TRP A 127 -19.13 -9.15 -16.89
C TRP A 127 -19.41 -9.13 -15.40
N ALA A 128 -18.35 -9.17 -14.60
CA ALA A 128 -18.46 -9.20 -13.15
C ALA A 128 -19.21 -8.00 -12.59
N LYS A 129 -19.20 -6.90 -13.32
CA LYS A 129 -19.86 -5.67 -12.90
C LYS A 129 -21.38 -5.79 -12.84
N GLU A 130 -21.97 -6.48 -13.81
CA GLU A 130 -23.42 -6.62 -13.86
C GLU A 130 -23.92 -8.02 -13.56
N ALA A 131 -23.09 -8.81 -12.90
CA ALA A 131 -23.48 -10.18 -12.57
C ALA A 131 -24.23 -10.28 -11.25
N VAL A 132 -24.99 -11.36 -11.10
CA VAL A 132 -25.71 -11.67 -9.88
C VAL A 132 -25.24 -13.10 -9.60
N ILE A 133 -24.44 -13.25 -8.55
CA ILE A 133 -23.89 -14.55 -8.18
C ILE A 133 -24.82 -15.32 -7.26
N TYR A 134 -24.79 -16.65 -7.40
CA TYR A 134 -25.59 -17.55 -6.57
C TYR A 134 -24.63 -18.54 -5.92
N GLN A 135 -24.57 -18.57 -4.60
CA GLN A 135 -23.67 -19.48 -3.92
C GLN A 135 -24.26 -20.86 -3.70
N ILE A 136 -23.55 -21.88 -4.17
CA ILE A 136 -23.96 -23.26 -4.03
C ILE A 136 -23.01 -24.06 -3.13
N PHE A 137 -23.57 -24.61 -2.06
CA PHE A 137 -22.83 -25.46 -1.14
C PHE A 137 -23.36 -26.83 -1.63
N PRO A 138 -22.60 -27.48 -2.52
CA PRO A 138 -22.86 -28.77 -3.18
C PRO A 138 -23.47 -29.92 -2.38
N GLU A 139 -22.93 -30.20 -1.20
CA GLU A 139 -23.45 -31.31 -0.39
C GLU A 139 -24.91 -31.09 -0.01
N ARG A 140 -25.38 -29.85 -0.12
CA ARG A 140 -26.74 -29.51 0.25
C ARG A 140 -27.67 -28.85 -0.77
N PHE A 141 -27.28 -28.76 -2.03
CA PHE A 141 -28.14 -28.10 -3.01
C PHE A 141 -29.15 -29.04 -3.66
N ALA A 142 -28.64 -30.08 -4.34
CA ALA A 142 -29.51 -31.03 -5.00
C ALA A 142 -28.81 -32.38 -5.14
N ASN A 143 -29.51 -33.45 -4.78
CA ASN A 143 -28.97 -34.80 -4.88
C ASN A 143 -29.52 -35.38 -6.18
N GLY A 144 -28.77 -35.21 -7.26
CA GLY A 144 -29.21 -35.72 -8.56
C GLY A 144 -28.82 -37.17 -8.80
N ASP A 145 -27.86 -37.66 -8.03
CA ASP A 145 -27.38 -39.03 -8.18
C ASP A 145 -27.26 -39.69 -6.81
N PRO A 146 -28.30 -40.44 -6.38
CA PRO A 146 -28.30 -41.11 -5.09
C PRO A 146 -27.26 -42.22 -4.94
N SER A 147 -26.69 -42.66 -6.06
CA SER A 147 -25.70 -43.74 -6.03
C SER A 147 -24.30 -43.34 -5.59
N ASN A 148 -24.04 -42.04 -5.40
CA ASN A 148 -22.72 -41.59 -4.96
C ASN A 148 -22.80 -40.95 -3.58
N ASP A 149 -23.93 -41.12 -2.91
CA ASP A 149 -24.11 -40.54 -1.59
C ASP A 149 -23.13 -41.11 -0.58
N PRO A 150 -22.63 -40.26 0.32
CA PRO A 150 -21.69 -40.76 1.32
C PRO A 150 -22.45 -41.70 2.26
N PRO A 151 -21.73 -42.52 3.04
CA PRO A 151 -22.42 -43.42 3.96
C PRO A 151 -23.06 -42.57 5.05
N GLY A 152 -24.19 -43.02 5.59
CA GLY A 152 -24.84 -42.26 6.65
C GLY A 152 -25.64 -41.06 6.18
N THR A 153 -25.86 -40.94 4.88
CA THR A 153 -26.62 -39.81 4.34
C THR A 153 -27.98 -39.76 4.99
N GLU A 154 -28.35 -38.58 5.50
CA GLU A 154 -29.64 -38.40 6.15
C GLU A 154 -30.69 -38.02 5.11
N GLN A 155 -31.97 -38.17 5.47
CA GLN A 155 -33.03 -37.87 4.52
C GLN A 155 -33.25 -36.37 4.26
N TRP A 156 -33.48 -36.07 2.98
CA TRP A 156 -33.68 -34.72 2.49
C TRP A 156 -35.06 -34.20 2.85
N ALA A 157 -35.15 -33.35 3.88
CA ALA A 157 -36.43 -32.81 4.32
C ALA A 157 -36.33 -31.38 4.85
N LYS A 158 -37.47 -30.70 4.89
CA LYS A 158 -37.55 -29.33 5.35
C LYS A 158 -37.26 -29.20 6.84
N ASP A 159 -37.49 -30.27 7.59
CA ASP A 159 -37.26 -30.25 9.03
C ASP A 159 -35.91 -30.83 9.39
N ALA A 160 -35.05 -30.98 8.38
CA ALA A 160 -33.72 -31.53 8.60
C ALA A 160 -32.87 -30.55 9.39
N ARG A 161 -32.20 -31.06 10.43
CA ARG A 161 -31.33 -30.24 11.27
C ARG A 161 -29.95 -30.89 11.24
N PRO A 162 -29.10 -30.46 10.30
CA PRO A 162 -27.75 -31.01 10.17
C PRO A 162 -26.81 -30.77 11.34
N ARG A 163 -25.81 -31.65 11.41
CA ARG A 163 -24.77 -31.57 12.43
C ARG A 163 -23.46 -31.33 11.67
N HIS A 164 -22.39 -31.00 12.37
CA HIS A 164 -21.10 -30.74 11.73
C HIS A 164 -20.59 -31.91 10.89
N ASP A 165 -21.13 -33.10 11.12
CA ASP A 165 -20.68 -34.28 10.39
C ASP A 165 -21.73 -34.93 9.50
N SER A 166 -22.87 -34.27 9.33
CA SER A 166 -23.94 -34.82 8.50
C SER A 166 -23.64 -34.80 7.00
N PHE A 167 -24.33 -35.68 6.27
CA PHE A 167 -24.24 -35.78 4.82
C PHE A 167 -25.68 -35.92 4.33
N TYR A 168 -26.02 -35.28 3.21
CA TYR A 168 -27.37 -35.35 2.66
C TYR A 168 -27.39 -35.82 1.21
N GLY A 169 -26.21 -35.90 0.60
CA GLY A 169 -26.12 -36.39 -0.77
C GLY A 169 -26.12 -35.41 -1.93
N GLY A 170 -26.05 -34.11 -1.65
CA GLY A 170 -26.02 -33.14 -2.73
C GLY A 170 -24.85 -33.42 -3.66
N ASP A 171 -25.03 -33.20 -4.96
CA ASP A 171 -23.96 -33.47 -5.93
C ASP A 171 -24.02 -32.57 -7.16
N LEU A 172 -23.06 -32.72 -8.07
CA LEU A 172 -23.00 -31.88 -9.27
C LEU A 172 -24.10 -32.20 -10.26
N LYS A 173 -24.52 -33.47 -10.32
CA LYS A 173 -25.59 -33.87 -11.22
C LYS A 173 -26.84 -33.13 -10.79
N GLY A 174 -26.99 -32.95 -9.47
CA GLY A 174 -28.13 -32.25 -8.94
C GLY A 174 -28.12 -30.80 -9.40
N VAL A 175 -26.93 -30.20 -9.45
CA VAL A 175 -26.82 -28.82 -9.90
C VAL A 175 -27.25 -28.75 -11.36
N ILE A 176 -26.78 -29.69 -12.18
CA ILE A 176 -27.14 -29.72 -13.58
C ILE A 176 -28.66 -29.81 -13.75
N ASP A 177 -29.29 -30.74 -13.03
CA ASP A 177 -30.73 -30.91 -13.12
C ASP A 177 -31.48 -29.63 -12.76
N ARG A 178 -30.89 -28.84 -11.85
CA ARG A 178 -31.54 -27.62 -11.43
C ARG A 178 -31.13 -26.35 -12.18
N LEU A 179 -30.36 -26.48 -13.26
CA LEU A 179 -29.97 -25.29 -14.01
C LEU A 179 -31.19 -24.52 -14.53
N PRO A 180 -32.29 -25.23 -14.88
CA PRO A 180 -33.46 -24.50 -15.36
C PRO A 180 -33.96 -23.54 -14.28
N TYR A 181 -33.92 -24.01 -13.03
CA TYR A 181 -34.35 -23.22 -11.88
C TYR A 181 -33.46 -21.98 -11.72
N LEU A 182 -32.14 -22.17 -11.79
CA LEU A 182 -31.21 -21.06 -11.64
C LEU A 182 -31.37 -20.08 -12.80
N GLU A 183 -31.56 -20.60 -13.99
CA GLU A 183 -31.74 -19.75 -15.16
C GLU A 183 -33.02 -18.94 -15.02
N GLU A 184 -34.08 -19.58 -14.52
CA GLU A 184 -35.35 -18.88 -14.32
C GLU A 184 -35.17 -17.77 -13.30
N LEU A 185 -34.35 -18.04 -12.29
CA LEU A 185 -34.09 -17.06 -11.24
C LEU A 185 -33.39 -15.85 -11.85
N GLY A 186 -32.55 -16.12 -12.85
CA GLY A 186 -31.84 -15.05 -13.52
C GLY A 186 -30.39 -14.87 -13.11
N VAL A 187 -29.86 -15.77 -12.28
CA VAL A 187 -28.47 -15.64 -11.85
C VAL A 187 -27.54 -15.79 -13.04
N THR A 188 -26.38 -15.14 -12.98
CA THR A 188 -25.43 -15.19 -14.08
C THR A 188 -24.10 -15.85 -13.71
N ALA A 189 -23.99 -16.35 -12.48
CA ALA A 189 -22.78 -17.01 -12.07
C ALA A 189 -23.04 -17.83 -10.83
N LEU A 190 -22.31 -18.93 -10.69
CA LEU A 190 -22.46 -19.79 -9.53
C LEU A 190 -21.12 -19.87 -8.82
N TYR A 191 -21.15 -19.61 -7.51
CA TYR A 191 -19.95 -19.72 -6.69
C TYR A 191 -20.11 -21.03 -5.91
N PHE A 192 -19.24 -21.98 -6.19
CA PHE A 192 -19.28 -23.28 -5.52
C PHE A 192 -18.28 -23.32 -4.38
N THR A 193 -18.69 -23.88 -3.23
CA THR A 193 -17.73 -24.05 -2.14
C THR A 193 -16.88 -25.21 -2.69
N PRO A 194 -15.85 -25.68 -1.95
CA PRO A 194 -15.02 -26.78 -2.46
C PRO A 194 -15.70 -28.02 -3.05
N ILE A 195 -15.20 -28.45 -4.21
CA ILE A 195 -15.74 -29.62 -4.88
C ILE A 195 -14.66 -30.67 -5.17
N PHE A 196 -13.44 -30.44 -4.69
CA PHE A 196 -12.37 -31.41 -4.92
C PHE A 196 -12.42 -32.50 -3.84
N ALA A 197 -11.80 -33.64 -4.13
CA ALA A 197 -11.79 -34.77 -3.21
C ALA A 197 -11.44 -34.41 -1.77
N SER A 198 -12.33 -34.77 -0.85
CA SER A 198 -12.17 -34.51 0.57
C SER A 198 -13.17 -35.39 1.33
N PRO A 199 -12.76 -35.90 2.50
CA PRO A 199 -13.63 -36.76 3.31
C PRO A 199 -14.77 -36.07 4.08
N SER A 200 -14.71 -34.74 4.19
CA SER A 200 -15.73 -33.99 4.92
C SER A 200 -16.93 -33.60 4.06
N HIS A 201 -17.95 -33.02 4.69
CA HIS A 201 -19.14 -32.57 3.99
C HIS A 201 -18.92 -31.18 3.41
N HIS A 202 -17.95 -30.45 3.94
CA HIS A 202 -17.66 -29.10 3.47
C HIS A 202 -16.50 -29.04 2.47
N LYS A 203 -15.65 -30.07 2.50
CA LYS A 203 -14.52 -30.21 1.58
C LYS A 203 -13.37 -29.20 1.70
N TYR A 204 -13.26 -28.51 2.83
CA TYR A 204 -12.17 -27.55 2.97
C TYR A 204 -10.85 -28.21 3.36
N ASP A 205 -10.93 -29.50 3.69
CA ASP A 205 -9.75 -30.31 4.04
C ASP A 205 -9.51 -31.21 2.84
N THR A 206 -8.75 -30.66 1.89
CA THR A 206 -8.44 -31.29 0.62
C THR A 206 -7.55 -32.53 0.59
N ALA A 207 -8.09 -33.59 0.01
CA ALA A 207 -7.41 -34.88 -0.15
C ALA A 207 -6.72 -34.92 -1.51
N ASP A 208 -7.41 -34.40 -2.54
CA ASP A 208 -6.87 -34.39 -3.88
C ASP A 208 -7.38 -33.18 -4.68
N TYR A 209 -6.47 -32.23 -4.95
CA TYR A 209 -6.80 -31.00 -5.69
C TYR A 209 -7.11 -31.24 -7.16
N LEU A 210 -6.70 -32.38 -7.67
CA LEU A 210 -6.90 -32.66 -9.09
C LEU A 210 -8.03 -33.64 -9.39
N ALA A 211 -8.94 -33.80 -8.44
CA ALA A 211 -10.06 -34.70 -8.67
C ALA A 211 -11.37 -34.19 -8.09
N ILE A 212 -12.44 -34.31 -8.87
CA ILE A 212 -13.76 -33.92 -8.39
C ILE A 212 -14.02 -34.93 -7.28
N ASP A 213 -14.64 -34.52 -6.19
CA ASP A 213 -14.90 -35.47 -5.14
C ASP A 213 -15.89 -36.53 -5.68
N PRO A 214 -15.61 -37.81 -5.40
CA PRO A 214 -16.44 -38.95 -5.84
C PRO A 214 -17.93 -38.83 -5.51
N GLN A 215 -18.25 -38.25 -4.36
CA GLN A 215 -19.63 -38.10 -3.95
C GLN A 215 -20.32 -36.94 -4.67
N PHE A 216 -19.54 -36.13 -5.38
CA PHE A 216 -20.06 -34.99 -6.13
C PHE A 216 -20.14 -35.32 -7.62
N GLY A 217 -19.25 -36.19 -8.08
CA GLY A 217 -19.25 -36.57 -9.48
C GLY A 217 -17.86 -36.96 -9.94
N ASP A 218 -17.55 -36.65 -11.19
CA ASP A 218 -16.25 -36.91 -11.77
C ASP A 218 -15.95 -35.81 -12.77
N LEU A 219 -14.83 -35.90 -13.45
CA LEU A 219 -14.45 -34.86 -14.42
C LEU A 219 -15.50 -34.68 -15.51
N PRO A 220 -15.92 -35.76 -16.18
CA PRO A 220 -16.93 -35.63 -17.24
C PRO A 220 -18.19 -34.91 -16.76
N THR A 221 -18.64 -35.22 -15.55
CA THR A 221 -19.84 -34.60 -15.00
C THR A 221 -19.59 -33.11 -14.75
N PHE A 222 -18.39 -32.78 -14.27
CA PHE A 222 -18.09 -31.38 -14.01
C PHE A 222 -18.09 -30.61 -15.34
N ARG A 223 -17.46 -31.18 -16.36
CA ARG A 223 -17.40 -30.55 -17.67
C ARG A 223 -18.79 -30.34 -18.26
N ARG A 224 -19.66 -31.31 -18.04
CA ARG A 224 -21.04 -31.21 -18.54
C ARG A 224 -21.71 -30.04 -17.80
N LEU A 225 -21.41 -29.94 -16.51
CA LEU A 225 -21.97 -28.87 -15.69
C LEU A 225 -21.49 -27.52 -16.19
N VAL A 226 -20.21 -27.41 -16.53
CA VAL A 226 -19.68 -26.16 -17.02
C VAL A 226 -20.33 -25.78 -18.35
N ASP A 227 -20.45 -26.74 -19.26
CA ASP A 227 -21.05 -26.47 -20.55
C ASP A 227 -22.53 -26.10 -20.47
N GLU A 228 -23.29 -26.84 -19.65
CA GLU A 228 -24.72 -26.58 -19.52
C GLU A 228 -25.00 -25.24 -18.84
N ALA A 229 -24.16 -24.87 -17.88
CA ALA A 229 -24.33 -23.60 -17.19
C ALA A 229 -24.03 -22.47 -18.18
N HIS A 230 -22.92 -22.60 -18.90
CA HIS A 230 -22.52 -21.58 -19.88
C HIS A 230 -23.59 -21.32 -20.95
N ARG A 231 -24.18 -22.38 -21.49
CA ARG A 231 -25.19 -22.21 -22.53
C ARG A 231 -26.45 -21.53 -21.97
N ARG A 232 -26.55 -21.53 -20.64
CA ARG A 232 -27.68 -20.89 -19.97
C ARG A 232 -27.28 -19.51 -19.44
N GLY A 233 -26.15 -19.01 -19.95
CA GLY A 233 -25.65 -17.70 -19.54
C GLY A 233 -25.14 -17.66 -18.12
N ILE A 234 -24.73 -18.81 -17.59
CA ILE A 234 -24.24 -18.90 -16.22
C ILE A 234 -22.77 -19.27 -16.12
N LYS A 235 -22.00 -18.42 -15.42
CA LYS A 235 -20.57 -18.64 -15.25
C LYS A 235 -20.26 -19.48 -14.01
N ILE A 236 -19.06 -20.07 -13.98
CA ILE A 236 -18.64 -20.93 -12.87
C ILE A 236 -17.44 -20.42 -12.12
N ILE A 237 -17.60 -20.24 -10.80
CA ILE A 237 -16.52 -19.78 -9.95
C ILE A 237 -16.22 -20.87 -8.93
N LEU A 238 -14.97 -21.33 -8.88
CA LEU A 238 -14.57 -22.38 -7.94
C LEU A 238 -13.88 -21.85 -6.70
N ASP A 239 -13.97 -22.62 -5.61
CA ASP A 239 -13.36 -22.25 -4.34
C ASP A 239 -11.94 -22.81 -4.30
N ALA A 240 -10.95 -21.93 -4.18
CA ALA A 240 -9.56 -22.35 -4.12
C ALA A 240 -9.10 -22.35 -2.67
N VAL A 241 -8.79 -23.54 -2.16
CA VAL A 241 -8.34 -23.67 -0.78
C VAL A 241 -6.81 -23.80 -0.79
N PHE A 242 -6.13 -22.67 -0.93
CA PHE A 242 -4.66 -22.65 -1.01
C PHE A 242 -3.92 -22.34 0.29
N ASN A 243 -4.63 -21.92 1.32
CA ASN A 243 -3.99 -21.61 2.59
C ASN A 243 -3.55 -22.88 3.32
N HIS A 244 -4.39 -23.90 3.25
CA HIS A 244 -4.12 -25.17 3.91
C HIS A 244 -4.65 -26.34 3.10
N ALA A 245 -4.08 -27.50 3.36
CA ALA A 245 -4.49 -28.71 2.68
C ALA A 245 -5.22 -29.58 3.68
N GLY A 246 -5.62 -30.76 3.22
CA GLY A 246 -6.28 -31.71 4.11
C GLY A 246 -5.20 -32.69 4.54
N ASP A 247 -5.38 -33.34 5.68
CA ASP A 247 -4.37 -34.28 6.14
C ASP A 247 -4.19 -35.45 5.16
N GLN A 248 -5.11 -35.60 4.21
CA GLN A 248 -5.02 -36.68 3.24
C GLN A 248 -4.35 -36.25 1.92
N PHE A 249 -3.94 -35.00 1.87
CA PHE A 249 -3.25 -34.45 0.70
C PHE A 249 -2.01 -35.34 0.54
N PHE A 250 -1.69 -35.76 -0.68
CA PHE A 250 -0.55 -36.64 -0.91
C PHE A 250 0.76 -36.20 -0.27
N ALA A 251 1.06 -34.90 -0.32
CA ALA A 251 2.31 -34.40 0.26
C ALA A 251 2.34 -34.59 1.76
N PHE A 252 1.21 -34.37 2.41
CA PHE A 252 1.14 -34.53 3.85
C PHE A 252 1.18 -35.99 4.27
N ARG A 253 0.59 -36.86 3.45
CA ARG A 253 0.59 -38.29 3.74
C ARG A 253 2.04 -38.73 3.81
N ASP A 254 2.84 -38.21 2.90
CA ASP A 254 4.25 -38.53 2.81
C ASP A 254 4.98 -38.07 4.07
N VAL A 255 4.53 -36.94 4.62
CA VAL A 255 5.13 -36.39 5.83
C VAL A 255 4.77 -37.23 7.05
N LEU A 256 3.56 -37.77 7.05
CA LEU A 256 3.08 -38.61 8.15
C LEU A 256 3.78 -39.96 8.14
N GLN A 257 4.21 -40.38 6.96
CA GLN A 257 4.86 -41.68 6.83
C GLN A 257 6.38 -41.64 6.92
N LYS A 258 7.01 -40.62 6.34
CA LYS A 258 8.46 -40.52 6.35
C LYS A 258 9.05 -39.48 7.30
N GLY A 259 8.20 -38.75 8.01
CA GLY A 259 8.67 -37.74 8.94
C GLY A 259 9.68 -36.76 8.36
N GLU A 260 10.79 -36.55 9.07
CA GLU A 260 11.80 -35.61 8.60
C GLU A 260 12.51 -36.09 7.36
N GLN A 261 12.16 -37.29 6.89
CA GLN A 261 12.79 -37.85 5.70
C GLN A 261 11.98 -37.57 4.44
N SER A 262 10.72 -37.17 4.59
CA SER A 262 9.87 -36.88 3.44
C SER A 262 10.37 -35.66 2.68
N ARG A 263 10.31 -35.74 1.35
CA ARG A 263 10.74 -34.65 0.49
C ARG A 263 9.80 -33.46 0.54
N TYR A 264 8.67 -33.62 1.24
CA TYR A 264 7.67 -32.57 1.35
C TYR A 264 7.52 -31.92 2.71
N LYS A 265 8.47 -32.18 3.63
CA LYS A 265 8.37 -31.61 4.97
C LYS A 265 8.35 -30.08 4.99
N ASP A 266 9.03 -29.46 4.02
CA ASP A 266 9.07 -28.00 3.96
C ASP A 266 7.85 -27.41 3.24
N TRP A 267 6.92 -28.26 2.86
CA TRP A 267 5.68 -27.81 2.20
C TRP A 267 4.72 -27.37 3.30
N PHE A 268 5.08 -27.66 4.54
CA PHE A 268 4.24 -27.32 5.68
C PHE A 268 5.03 -26.65 6.80
N PHE A 269 4.34 -26.34 7.89
CA PHE A 269 4.93 -25.71 9.06
C PHE A 269 4.98 -26.76 10.17
N ILE A 270 6.05 -27.53 10.21
CA ILE A 270 6.21 -28.59 11.21
C ILE A 270 7.20 -28.23 12.31
N GLU A 271 6.86 -28.58 13.55
CA GLU A 271 7.73 -28.28 14.68
C GLU A 271 8.59 -29.45 15.16
N ASP A 272 7.95 -30.53 15.61
CA ASP A 272 8.72 -31.67 16.11
C ASP A 272 8.26 -33.07 15.69
N PHE A 273 8.97 -33.66 14.72
CA PHE A 273 8.65 -35.01 14.26
C PHE A 273 8.90 -35.89 15.50
N PRO A 274 8.07 -36.93 15.71
CA PRO A 274 6.94 -37.40 14.93
C PRO A 274 5.83 -36.38 14.69
N VAL A 275 5.38 -36.36 13.44
CA VAL A 275 4.35 -35.44 12.97
C VAL A 275 3.07 -35.33 13.79
N SER A 276 2.94 -36.03 14.92
CA SER A 276 1.71 -35.88 15.70
C SER A 276 1.29 -36.67 16.94
N LYS A 277 0.77 -35.90 17.89
CA LYS A 277 0.17 -36.34 19.16
C LYS A 277 -0.97 -35.35 18.95
N THR A 278 -2.08 -35.83 18.41
CA THR A 278 -3.19 -34.97 18.08
C THR A 278 -4.28 -34.68 19.12
N SER A 279 -4.15 -33.48 19.67
CA SER A 279 -5.01 -32.87 20.68
C SER A 279 -4.21 -31.58 20.81
N ARG A 280 -2.94 -31.73 20.46
CA ARG A 280 -1.93 -30.68 20.47
C ARG A 280 -1.05 -30.86 19.22
N THR A 281 -1.68 -30.80 18.06
CA THR A 281 -0.99 -30.94 16.77
C THR A 281 0.41 -30.30 16.78
N ASN A 282 1.41 -30.98 16.22
CA ASN A 282 2.76 -30.42 16.18
C ASN A 282 3.08 -29.84 14.80
N TYR A 283 2.08 -29.24 14.17
CA TYR A 283 2.23 -28.59 12.88
C TYR A 283 1.15 -27.52 12.83
N GLU A 284 1.44 -26.41 12.15
CA GLU A 284 0.47 -25.33 12.08
C GLU A 284 -0.74 -25.77 11.24
N THR A 285 -1.92 -25.38 11.69
CA THR A 285 -3.14 -25.73 10.99
C THR A 285 -3.97 -24.47 10.81
N PHE A 286 -5.05 -24.58 10.08
CA PHE A 286 -5.95 -23.46 9.92
C PHE A 286 -6.50 -23.25 11.32
N ALA A 287 -6.77 -22.00 11.69
CA ALA A 287 -7.31 -21.72 13.01
C ALA A 287 -6.47 -22.36 14.12
N VAL A 288 -7.13 -22.91 15.12
CA VAL A 288 -6.44 -23.52 16.25
C VAL A 288 -6.63 -25.03 16.38
N GLN A 289 -5.53 -25.77 16.41
CA GLN A 289 -5.60 -27.21 16.56
C GLN A 289 -6.65 -27.86 15.67
N VAL A 290 -6.41 -27.84 14.36
CA VAL A 290 -7.33 -28.48 13.43
C VAL A 290 -6.49 -29.42 12.57
N PRO A 291 -6.22 -30.62 13.11
CA PRO A 291 -5.43 -31.71 12.51
C PRO A 291 -5.73 -31.98 11.04
N ALA A 292 -7.01 -31.90 10.68
CA ALA A 292 -7.39 -32.18 9.30
C ALA A 292 -6.90 -31.13 8.30
N MET A 293 -6.57 -29.94 8.79
CA MET A 293 -6.13 -28.87 7.89
C MET A 293 -4.73 -28.29 8.12
N PRO A 294 -3.69 -29.01 7.69
CA PRO A 294 -2.34 -28.49 7.89
C PRO A 294 -2.07 -27.32 6.94
N LYS A 295 -1.56 -26.22 7.49
CA LYS A 295 -1.27 -25.04 6.68
C LYS A 295 -0.17 -25.30 5.65
N LEU A 296 -0.37 -24.76 4.45
CA LEU A 296 0.59 -24.90 3.37
C LEU A 296 1.57 -23.74 3.36
N ARG A 297 2.84 -24.04 3.11
CA ARG A 297 3.88 -23.01 3.06
C ARG A 297 3.87 -22.48 1.63
N THR A 298 2.91 -21.60 1.33
CA THR A 298 2.81 -21.03 -0.01
C THR A 298 4.02 -20.19 -0.40
N GLU A 299 4.86 -19.86 0.57
CA GLU A 299 6.06 -19.07 0.32
C GLU A 299 7.11 -19.96 -0.34
N ASN A 300 6.93 -21.27 -0.18
CA ASN A 300 7.85 -22.26 -0.76
C ASN A 300 7.55 -22.32 -2.25
N PRO A 301 8.54 -21.99 -3.10
CA PRO A 301 8.35 -22.00 -4.55
C PRO A 301 7.75 -23.30 -5.10
N GLU A 302 8.01 -24.41 -4.42
CA GLU A 302 7.49 -25.70 -4.85
C GLU A 302 5.99 -25.77 -4.58
N VAL A 303 5.59 -25.34 -3.39
CA VAL A 303 4.19 -25.35 -3.04
C VAL A 303 3.43 -24.45 -4.02
N LYS A 304 3.99 -23.27 -4.27
CA LYS A 304 3.37 -22.32 -5.18
C LYS A 304 3.19 -22.90 -6.57
N GLU A 305 4.25 -23.53 -7.09
CA GLU A 305 4.20 -24.12 -8.41
C GLU A 305 3.12 -25.20 -8.47
N TYR A 306 3.06 -26.05 -7.46
CA TYR A 306 2.04 -27.09 -7.44
C TYR A 306 0.66 -26.45 -7.49
N LEU A 307 0.39 -25.52 -6.59
CA LEU A 307 -0.93 -24.86 -6.57
C LEU A 307 -1.23 -24.11 -7.86
N PHE A 308 -0.22 -23.56 -8.51
CA PHE A 308 -0.43 -22.84 -9.76
C PHE A 308 -0.81 -23.84 -10.86
N ASP A 309 -0.25 -25.04 -10.80
CA ASP A 309 -0.57 -26.08 -11.77
C ASP A 309 -2.02 -26.50 -11.57
N VAL A 310 -2.44 -26.59 -10.31
CA VAL A 310 -3.82 -26.95 -9.98
C VAL A 310 -4.78 -25.91 -10.58
N ALA A 311 -4.46 -24.64 -10.41
CA ALA A 311 -5.28 -23.56 -10.93
C ALA A 311 -5.35 -23.65 -12.45
N ARG A 312 -4.20 -23.89 -13.08
CA ARG A 312 -4.12 -24.00 -14.54
C ARG A 312 -5.04 -25.12 -15.00
N PHE A 313 -4.91 -26.28 -14.35
CA PHE A 313 -5.71 -27.44 -14.71
C PHE A 313 -7.20 -27.17 -14.71
N TRP A 314 -7.71 -26.57 -13.64
CA TRP A 314 -9.14 -26.30 -13.59
C TRP A 314 -9.57 -25.20 -14.55
N MET A 315 -8.70 -24.22 -14.80
CA MET A 315 -9.04 -23.17 -15.73
C MET A 315 -9.13 -23.75 -17.15
N GLU A 316 -8.39 -24.83 -17.37
CA GLU A 316 -8.40 -25.50 -18.66
C GLU A 316 -9.74 -26.22 -18.85
N GLN A 317 -10.48 -26.37 -17.76
CA GLN A 317 -11.78 -27.02 -17.81
C GLN A 317 -12.87 -26.00 -18.13
N GLY A 318 -12.47 -24.75 -18.31
CA GLY A 318 -13.43 -23.70 -18.65
C GLY A 318 -14.09 -22.90 -17.54
N ILE A 319 -13.55 -22.91 -16.33
CA ILE A 319 -14.18 -22.14 -15.26
C ILE A 319 -13.93 -20.65 -15.50
N ASP A 320 -14.70 -19.81 -14.81
CA ASP A 320 -14.61 -18.37 -15.02
C ASP A 320 -13.98 -17.55 -13.90
N GLY A 321 -13.47 -18.19 -12.86
CA GLY A 321 -12.86 -17.45 -11.78
C GLY A 321 -12.71 -18.21 -10.48
N TRP A 322 -12.18 -17.52 -9.48
CA TRP A 322 -11.92 -18.13 -8.18
C TRP A 322 -12.36 -17.30 -6.97
N ARG A 323 -12.75 -18.00 -5.89
CA ARG A 323 -13.06 -17.36 -4.61
C ARG A 323 -11.89 -17.94 -3.81
N LEU A 324 -11.08 -17.07 -3.21
CA LEU A 324 -9.90 -17.52 -2.47
C LEU A 324 -10.13 -17.70 -0.97
N ASN A 325 -10.13 -18.95 -0.53
CA ASN A 325 -10.35 -19.29 0.88
C ASN A 325 -9.25 -18.77 1.80
N VAL A 326 -9.66 -18.15 2.90
CA VAL A 326 -8.71 -17.61 3.89
C VAL A 326 -7.55 -16.92 3.17
N ALA A 327 -7.90 -16.16 2.14
CA ALA A 327 -6.93 -15.47 1.31
C ALA A 327 -5.94 -14.58 2.06
N ASN A 328 -6.39 -13.96 3.14
CA ASN A 328 -5.51 -13.08 3.90
C ASN A 328 -4.45 -13.82 4.70
N GLU A 329 -4.42 -15.15 4.61
CA GLU A 329 -3.42 -15.89 5.35
C GLU A 329 -2.32 -16.51 4.47
N VAL A 330 -2.41 -16.33 3.17
CA VAL A 330 -1.33 -16.78 2.30
C VAL A 330 -0.66 -15.46 1.88
N ASP A 331 0.62 -15.49 1.51
CA ASP A 331 1.36 -14.27 1.18
C ASP A 331 0.96 -13.45 -0.04
N HIS A 332 1.26 -12.15 0.03
CA HIS A 332 0.95 -11.20 -1.03
C HIS A 332 1.63 -11.50 -2.37
N ALA A 333 2.89 -11.93 -2.32
CA ALA A 333 3.61 -12.26 -3.55
C ALA A 333 2.89 -13.39 -4.28
N PHE A 334 2.46 -14.39 -3.53
CA PHE A 334 1.76 -15.53 -4.10
C PHE A 334 0.56 -15.02 -4.89
N TRP A 335 -0.18 -14.07 -4.32
CA TRP A 335 -1.36 -13.53 -4.96
C TRP A 335 -1.04 -12.65 -6.17
N ARG A 336 0.05 -11.88 -6.11
CA ARG A 336 0.44 -11.04 -7.25
C ARG A 336 0.80 -11.94 -8.42
N GLU A 337 1.49 -13.03 -8.14
CA GLU A 337 1.89 -13.97 -9.19
C GLU A 337 0.68 -14.77 -9.68
N PHE A 338 -0.23 -15.06 -8.76
CA PHE A 338 -1.44 -15.80 -9.09
C PHE A 338 -2.26 -14.99 -10.09
N ARG A 339 -2.48 -13.72 -9.79
CA ARG A 339 -3.24 -12.84 -10.68
C ARG A 339 -2.62 -12.86 -12.08
N ARG A 340 -1.30 -12.70 -12.15
CA ARG A 340 -0.60 -12.69 -13.44
C ARG A 340 -0.86 -14.00 -14.18
N LEU A 341 -0.79 -15.11 -13.46
CA LEU A 341 -1.04 -16.42 -14.04
C LEU A 341 -2.47 -16.49 -14.56
N VAL A 342 -3.41 -16.21 -13.67
CA VAL A 342 -4.83 -16.24 -14.00
C VAL A 342 -5.19 -15.37 -15.20
N LYS A 343 -4.87 -14.09 -15.12
CA LYS A 343 -5.20 -13.16 -16.20
C LYS A 343 -4.48 -13.48 -17.52
N SER A 344 -3.30 -14.11 -17.44
CA SER A 344 -2.61 -14.45 -18.67
C SER A 344 -3.34 -15.61 -19.35
N LEU A 345 -3.95 -16.48 -18.55
CA LEU A 345 -4.69 -17.63 -19.09
C LEU A 345 -6.09 -17.26 -19.54
N ASN A 346 -6.75 -16.38 -18.81
CA ASN A 346 -8.10 -15.96 -19.13
C ASN A 346 -8.28 -14.55 -18.57
N PRO A 347 -8.17 -13.54 -19.44
CA PRO A 347 -8.32 -12.13 -19.06
C PRO A 347 -9.63 -11.84 -18.33
N ASP A 348 -10.65 -12.66 -18.57
CA ASP A 348 -11.95 -12.49 -17.94
C ASP A 348 -12.22 -13.37 -16.72
N ALA A 349 -11.20 -14.08 -16.26
CA ALA A 349 -11.38 -14.94 -15.09
C ALA A 349 -11.39 -14.00 -13.87
N LEU A 350 -12.40 -14.15 -13.03
CA LEU A 350 -12.58 -13.32 -11.83
C LEU A 350 -11.82 -13.84 -10.59
N ILE A 351 -11.17 -12.93 -9.85
CA ILE A 351 -10.44 -13.30 -8.64
C ILE A 351 -11.08 -12.62 -7.42
N VAL A 352 -11.72 -13.41 -6.58
CA VAL A 352 -12.38 -12.88 -5.40
C VAL A 352 -11.73 -13.44 -4.14
N GLY A 353 -11.23 -12.57 -3.28
CA GLY A 353 -10.60 -13.03 -2.06
C GLY A 353 -11.60 -13.13 -0.92
N GLU A 354 -11.42 -14.12 -0.04
CA GLU A 354 -12.30 -14.26 1.10
C GLU A 354 -11.60 -13.66 2.32
N ILE A 355 -11.91 -12.39 2.58
CA ILE A 355 -11.34 -11.64 3.70
C ILE A 355 -12.52 -10.92 4.34
N TRP A 356 -12.67 -11.05 5.66
CA TRP A 356 -13.79 -10.43 6.36
C TRP A 356 -13.57 -9.01 6.85
N HIS A 357 -12.31 -8.59 6.96
CA HIS A 357 -12.01 -7.23 7.42
C HIS A 357 -11.58 -6.31 6.29
N ASP A 358 -11.01 -5.16 6.64
CA ASP A 358 -10.56 -4.17 5.67
C ASP A 358 -9.58 -4.85 4.71
N ALA A 359 -9.99 -5.06 3.47
CA ALA A 359 -9.13 -5.73 2.49
C ALA A 359 -8.48 -4.80 1.47
N SER A 360 -8.37 -3.51 1.80
CA SER A 360 -7.76 -2.54 0.88
C SER A 360 -6.36 -2.93 0.41
N GLY A 361 -5.59 -3.59 1.27
CA GLY A 361 -4.25 -4.00 0.90
C GLY A 361 -4.22 -5.00 -0.25
N TRP A 362 -5.32 -5.72 -0.45
CA TRP A 362 -5.42 -6.70 -1.52
C TRP A 362 -6.25 -6.16 -2.68
N LEU A 363 -6.74 -4.94 -2.56
CA LEU A 363 -7.59 -4.38 -3.60
C LEU A 363 -7.06 -3.13 -4.30
N MET A 364 -5.75 -3.08 -4.53
CA MET A 364 -5.18 -1.91 -5.20
C MET A 364 -4.96 -2.16 -6.69
N GLY A 365 -5.27 -3.39 -7.14
CA GLY A 365 -5.13 -3.70 -8.55
C GLY A 365 -4.12 -4.76 -8.93
N ASP A 366 -3.23 -5.11 -8.01
CA ASP A 366 -2.22 -6.12 -8.34
C ASP A 366 -2.53 -7.50 -7.78
N GLN A 367 -3.67 -7.66 -7.11
CA GLN A 367 -4.01 -8.96 -6.54
C GLN A 367 -5.43 -9.44 -6.87
N PHE A 368 -6.40 -9.12 -6.02
CA PHE A 368 -7.77 -9.57 -6.26
C PHE A 368 -8.59 -8.52 -7.00
N ASP A 369 -9.66 -8.96 -7.66
CA ASP A 369 -10.56 -8.04 -8.35
C ASP A 369 -11.60 -7.61 -7.33
N SER A 370 -11.84 -8.46 -6.34
CA SER A 370 -12.88 -8.20 -5.34
C SER A 370 -12.71 -9.09 -4.10
N VAL A 371 -13.63 -8.94 -3.15
CA VAL A 371 -13.64 -9.77 -1.95
C VAL A 371 -15.08 -9.99 -1.52
N MET A 372 -15.29 -11.01 -0.69
CA MET A 372 -16.63 -11.25 -0.16
C MET A 372 -16.77 -10.11 0.82
N ASN A 373 -17.71 -9.21 0.55
CA ASN A 373 -17.89 -8.03 1.38
C ASN A 373 -18.62 -8.21 2.70
N TYR A 374 -17.94 -8.83 3.66
CA TYR A 374 -18.54 -9.05 4.98
C TYR A 374 -18.83 -7.76 5.73
N LEU A 375 -18.13 -6.69 5.41
CA LEU A 375 -18.40 -5.43 6.10
C LEU A 375 -19.71 -4.83 5.58
N PHE A 376 -20.04 -5.15 4.32
CA PHE A 376 -21.31 -4.70 3.75
C PHE A 376 -22.37 -5.48 4.53
N ARG A 377 -22.11 -6.77 4.75
CA ARG A 377 -23.06 -7.58 5.49
C ARG A 377 -23.30 -7.03 6.90
N GLU A 378 -22.24 -6.57 7.57
CA GLU A 378 -22.39 -6.04 8.93
C GLU A 378 -23.32 -4.83 8.97
N SER A 379 -23.18 -3.93 7.99
CA SER A 379 -24.04 -2.75 7.93
C SER A 379 -25.48 -3.16 7.71
N VAL A 380 -25.68 -4.08 6.76
CA VAL A 380 -27.02 -4.56 6.44
C VAL A 380 -27.67 -5.28 7.63
N ILE A 381 -26.87 -6.07 8.34
CA ILE A 381 -27.38 -6.78 9.53
C ILE A 381 -27.83 -5.73 10.54
N ARG A 382 -26.91 -4.80 10.82
CA ARG A 382 -27.13 -3.73 11.78
C ARG A 382 -28.36 -2.86 11.49
N PHE A 383 -28.53 -2.47 10.23
CA PHE A 383 -29.65 -1.62 9.84
C PHE A 383 -30.98 -2.32 9.62
N PHE A 384 -30.97 -3.43 8.89
CA PHE A 384 -32.19 -4.15 8.56
C PHE A 384 -32.60 -5.30 9.50
N ALA A 385 -31.62 -6.01 10.04
CA ALA A 385 -31.92 -7.16 10.89
C ALA A 385 -32.10 -6.83 12.37
N THR A 386 -31.02 -6.36 13.00
CA THR A 386 -31.06 -6.05 14.42
C THR A 386 -31.61 -4.67 14.75
N GLY A 387 -31.43 -3.73 13.83
CA GLY A 387 -31.90 -2.38 14.07
C GLY A 387 -30.98 -1.66 15.05
N GLU A 388 -29.73 -2.10 15.13
CA GLU A 388 -28.75 -1.49 16.02
C GLU A 388 -28.40 -0.08 15.60
N ILE A 389 -28.50 0.20 14.31
CA ILE A 389 -28.19 1.52 13.80
C ILE A 389 -29.34 2.13 13.02
N HIS A 390 -29.37 3.45 12.97
CA HIS A 390 -30.41 4.17 12.24
C HIS A 390 -29.94 4.50 10.82
N ALA A 391 -30.83 5.08 10.04
CA ALA A 391 -30.57 5.43 8.65
C ALA A 391 -29.32 6.28 8.42
N GLU A 392 -29.10 7.29 9.26
CA GLU A 392 -27.93 8.16 9.09
C GLU A 392 -26.63 7.42 9.37
N ARG A 393 -26.65 6.55 10.38
CA ARG A 393 -25.47 5.77 10.72
C ARG A 393 -25.24 4.77 9.58
N PHE A 394 -26.32 4.18 9.08
CA PHE A 394 -26.25 3.23 7.98
C PHE A 394 -25.59 3.92 6.79
N ASP A 395 -26.06 5.12 6.47
CA ASP A 395 -25.51 5.90 5.36
C ASP A 395 -24.01 6.11 5.55
N ALA A 396 -23.63 6.48 6.77
CA ALA A 396 -22.23 6.74 7.08
C ALA A 396 -21.34 5.50 6.89
N GLU A 397 -21.80 4.36 7.38
CA GLU A 397 -21.03 3.13 7.25
C GLU A 397 -20.82 2.76 5.80
N LEU A 398 -21.88 2.88 5.01
CA LEU A 398 -21.83 2.58 3.57
C LEU A 398 -20.79 3.47 2.89
N THR A 399 -20.86 4.77 3.15
CA THR A 399 -19.95 5.74 2.55
C THR A 399 -18.51 5.56 2.99
N ARG A 400 -18.31 5.33 4.28
CA ARG A 400 -16.95 5.15 4.81
C ARG A 400 -16.31 3.90 4.18
N ALA A 401 -17.10 2.84 4.07
CA ALA A 401 -16.62 1.58 3.50
C ALA A 401 -16.30 1.76 2.01
N ARG A 402 -17.17 2.50 1.32
CA ARG A 402 -16.98 2.78 -0.10
C ARG A 402 -15.71 3.57 -0.40
N MET A 403 -15.30 4.42 0.54
CA MET A 403 -14.10 5.24 0.37
C MET A 403 -12.82 4.51 0.73
N LEU A 404 -12.94 3.30 1.25
CA LEU A 404 -11.80 2.50 1.64
C LEU A 404 -11.01 1.93 0.47
N TYR A 405 -11.71 1.63 -0.62
CA TYR A 405 -11.06 1.04 -1.79
C TYR A 405 -11.22 1.85 -3.07
N PRO A 406 -10.38 1.59 -4.08
CA PRO A 406 -10.48 2.31 -5.35
C PRO A 406 -11.84 1.92 -5.93
N GLU A 407 -12.41 2.78 -6.76
CA GLU A 407 -13.72 2.51 -7.34
C GLU A 407 -13.81 1.19 -8.10
N GLN A 408 -12.73 0.80 -8.78
CA GLN A 408 -12.74 -0.44 -9.55
C GLN A 408 -13.07 -1.64 -8.68
N ALA A 409 -12.63 -1.63 -7.43
CA ALA A 409 -12.90 -2.73 -6.52
C ALA A 409 -14.30 -2.60 -5.96
N ALA A 410 -14.65 -1.39 -5.52
CA ALA A 410 -15.96 -1.13 -4.93
C ALA A 410 -17.08 -1.55 -5.89
N GLN A 411 -16.86 -1.31 -7.17
CA GLN A 411 -17.83 -1.62 -8.20
C GLN A 411 -18.20 -3.11 -8.28
N GLY A 412 -17.27 -3.99 -7.91
CA GLY A 412 -17.55 -5.41 -8.01
C GLY A 412 -17.47 -6.22 -6.72
N LEU A 413 -17.56 -5.52 -5.58
CA LEU A 413 -17.51 -6.19 -4.29
C LEU A 413 -18.68 -7.16 -4.20
N TRP A 414 -18.44 -8.36 -3.67
CA TRP A 414 -19.49 -9.35 -3.52
C TRP A 414 -20.32 -9.05 -2.28
N ASN A 415 -21.47 -8.42 -2.47
CA ASN A 415 -22.35 -8.05 -1.37
C ASN A 415 -23.31 -9.17 -0.98
N LEU A 416 -22.97 -9.87 0.09
CA LEU A 416 -23.78 -10.98 0.57
C LEU A 416 -24.53 -10.61 1.84
N LEU A 417 -25.60 -11.35 2.13
CA LEU A 417 -26.39 -11.14 3.34
C LEU A 417 -25.96 -12.15 4.39
N ASP A 418 -25.41 -13.26 3.91
CA ASP A 418 -25.01 -14.36 4.77
C ASP A 418 -24.19 -15.33 3.92
N SER A 419 -23.78 -16.45 4.53
CA SER A 419 -22.99 -17.47 3.82
C SER A 419 -23.09 -18.79 4.56
N HIS A 420 -22.26 -19.75 4.15
CA HIS A 420 -22.27 -21.06 4.80
C HIS A 420 -21.55 -20.99 6.16
N ASP A 421 -21.05 -19.80 6.51
CA ASP A 421 -20.37 -19.60 7.79
C ASP A 421 -21.08 -18.64 8.71
N THR A 422 -22.34 -18.34 8.42
CA THR A 422 -23.12 -17.45 9.25
C THR A 422 -24.53 -18.00 9.36
N GLU A 423 -25.36 -17.35 10.17
CA GLU A 423 -26.74 -17.75 10.30
C GLU A 423 -27.41 -17.15 9.07
N ARG A 424 -28.58 -17.67 8.68
CA ARG A 424 -29.26 -17.13 7.51
C ARG A 424 -29.84 -15.77 7.82
N PHE A 425 -29.83 -14.88 6.84
CA PHE A 425 -30.33 -13.53 7.06
C PHE A 425 -31.77 -13.48 7.55
N LEU A 426 -32.61 -14.41 7.11
CA LEU A 426 -34.01 -14.43 7.54
C LEU A 426 -34.02 -14.56 9.07
N THR A 427 -33.18 -15.46 9.57
CA THR A 427 -33.05 -15.71 11.00
C THR A 427 -32.53 -14.46 11.70
N SER A 428 -31.55 -13.80 11.09
CA SER A 428 -30.99 -12.58 11.65
C SER A 428 -32.13 -11.56 11.84
N CYS A 429 -33.09 -11.59 10.93
CA CYS A 429 -34.25 -10.68 10.97
C CYS A 429 -35.34 -11.23 11.88
N GLY A 430 -35.07 -12.36 12.52
CA GLY A 430 -36.05 -12.96 13.40
C GLY A 430 -37.29 -13.46 12.67
N GLY A 431 -37.11 -13.91 11.44
CA GLY A 431 -38.23 -14.42 10.67
C GLY A 431 -39.13 -13.38 10.03
N ASN A 432 -38.77 -12.11 10.20
CA ASN A 432 -39.57 -11.04 9.63
C ASN A 432 -39.27 -10.91 8.12
N GLU A 433 -40.18 -11.40 7.30
CA GLU A 433 -39.99 -11.34 5.85
C GLU A 433 -39.96 -9.90 5.35
N ALA A 434 -40.72 -9.02 5.99
CA ALA A 434 -40.75 -7.62 5.59
C ALA A 434 -39.36 -7.00 5.69
N LYS A 435 -38.68 -7.25 6.80
CA LYS A 435 -37.33 -6.70 6.98
C LYS A 435 -36.38 -7.36 5.98
N PHE A 436 -36.55 -8.66 5.80
CA PHE A 436 -35.73 -9.43 4.88
C PHE A 436 -35.82 -8.90 3.45
N ARG A 437 -37.03 -8.66 2.98
CA ARG A 437 -37.23 -8.17 1.62
C ARG A 437 -36.64 -6.80 1.34
N LEU A 438 -36.79 -5.88 2.29
CA LEU A 438 -36.26 -4.55 2.11
C LEU A 438 -34.73 -4.63 2.01
N ALA A 439 -34.14 -5.55 2.76
CA ALA A 439 -32.69 -5.75 2.74
C ALA A 439 -32.27 -6.29 1.38
N VAL A 440 -33.08 -7.19 0.83
CA VAL A 440 -32.80 -7.77 -0.47
C VAL A 440 -32.96 -6.71 -1.56
N LEU A 441 -33.94 -5.83 -1.38
CA LEU A 441 -34.17 -4.75 -2.35
C LEU A 441 -32.93 -3.88 -2.38
N PHE A 442 -32.34 -3.68 -1.20
CA PHE A 442 -31.14 -2.87 -1.08
C PHE A 442 -29.95 -3.59 -1.72
N GLN A 443 -29.85 -4.88 -1.45
CA GLN A 443 -28.76 -5.71 -1.98
C GLN A 443 -28.77 -5.68 -3.50
N MET A 444 -29.97 -5.79 -4.06
CA MET A 444 -30.15 -5.84 -5.50
C MET A 444 -30.00 -4.50 -6.21
N THR A 445 -30.01 -3.40 -5.46
CA THR A 445 -29.89 -2.08 -6.09
C THR A 445 -28.66 -1.27 -5.68
N TYR A 446 -27.97 -1.69 -4.64
CA TYR A 446 -26.79 -0.94 -4.19
C TYR A 446 -25.56 -1.21 -5.07
N LEU A 447 -24.52 -0.40 -4.90
CA LEU A 447 -23.28 -0.55 -5.67
C LEU A 447 -22.54 -1.81 -5.27
N GLY A 448 -22.24 -2.66 -6.26
CA GLY A 448 -21.54 -3.90 -5.97
C GLY A 448 -22.19 -5.07 -6.69
N THR A 449 -21.71 -6.27 -6.43
CA THR A 449 -22.23 -7.48 -7.07
C THR A 449 -23.02 -8.30 -6.06
N PRO A 450 -24.33 -8.51 -6.31
CA PRO A 450 -25.17 -9.29 -5.39
C PRO A 450 -24.79 -10.77 -5.34
N LEU A 451 -24.70 -11.33 -4.13
CA LEU A 451 -24.40 -12.74 -3.93
C LEU A 451 -25.56 -13.35 -3.16
N ILE A 452 -26.20 -14.36 -3.73
CA ILE A 452 -27.34 -15.03 -3.09
C ILE A 452 -26.90 -16.38 -2.53
N TYR A 453 -27.21 -16.62 -1.26
CA TYR A 453 -26.88 -17.89 -0.62
C TYR A 453 -28.02 -18.84 -0.96
N TYR A 454 -27.71 -20.00 -1.54
CA TYR A 454 -28.74 -20.96 -1.95
C TYR A 454 -29.89 -21.11 -0.94
N GLY A 455 -31.12 -21.01 -1.45
CA GLY A 455 -32.27 -21.17 -0.57
C GLY A 455 -32.87 -19.90 -0.01
N ASP A 456 -32.08 -18.85 0.15
CA ASP A 456 -32.64 -17.61 0.68
C ASP A 456 -33.79 -17.12 -0.20
N GLU A 457 -33.68 -17.31 -1.51
CA GLU A 457 -34.71 -16.85 -2.44
C GLU A 457 -36.06 -17.54 -2.29
N ILE A 458 -36.09 -18.67 -1.58
CA ILE A 458 -37.36 -19.37 -1.35
C ILE A 458 -37.70 -19.48 0.14
N GLY A 459 -37.12 -18.57 0.93
CA GLY A 459 -37.43 -18.50 2.36
C GLY A 459 -36.79 -19.45 3.36
N MET A 460 -35.62 -20.00 3.07
CA MET A 460 -35.00 -20.89 4.02
C MET A 460 -34.46 -20.09 5.20
N ALA A 461 -34.41 -20.74 6.36
CA ALA A 461 -33.91 -20.12 7.58
C ALA A 461 -32.89 -21.05 8.22
N GLY A 462 -32.25 -20.60 9.28
CA GLY A 462 -31.29 -21.44 9.97
C GLY A 462 -30.27 -20.66 10.77
N ALA A 463 -29.79 -21.27 11.85
CA ALA A 463 -28.79 -20.65 12.69
C ALA A 463 -27.47 -20.80 11.92
N THR A 464 -26.36 -20.39 12.52
CA THR A 464 -25.09 -20.48 11.82
C THR A 464 -24.61 -21.93 11.69
N ASP A 465 -23.58 -22.11 10.86
CA ASP A 465 -22.97 -23.40 10.61
C ASP A 465 -23.07 -24.28 11.86
N PRO A 466 -23.55 -25.54 11.72
CA PRO A 466 -24.02 -26.21 10.49
C PRO A 466 -25.49 -26.06 10.14
N ASP A 467 -26.27 -25.35 10.95
CA ASP A 467 -27.69 -25.21 10.67
C ASP A 467 -28.02 -24.36 9.44
N CYS A 468 -27.05 -23.59 8.94
CA CYS A 468 -27.29 -22.75 7.77
C CYS A 468 -27.10 -23.56 6.49
N ARG A 469 -26.71 -24.83 6.65
CA ARG A 469 -26.47 -25.71 5.53
C ARG A 469 -27.52 -26.81 5.42
N ARG A 470 -28.77 -26.47 5.70
CA ARG A 470 -29.86 -27.43 5.59
C ARG A 470 -30.05 -27.77 4.13
N PRO A 471 -30.54 -28.98 3.83
CA PRO A 471 -30.76 -29.36 2.44
C PRO A 471 -31.77 -28.40 1.80
N MET A 472 -31.49 -27.98 0.57
CA MET A 472 -32.36 -27.06 -0.16
C MET A 472 -33.81 -27.55 -0.24
N ILE A 473 -34.75 -26.64 -0.07
CA ILE A 473 -36.17 -26.99 -0.13
C ILE A 473 -36.59 -26.92 -1.61
N TRP A 474 -36.96 -28.07 -2.17
CA TRP A 474 -37.37 -28.16 -3.56
C TRP A 474 -38.87 -28.36 -3.77
N GLU A 475 -39.57 -28.77 -2.71
CA GLU A 475 -41.01 -28.98 -2.81
C GLU A 475 -41.64 -27.61 -3.00
N GLU A 476 -42.28 -27.40 -4.15
CA GLU A 476 -42.88 -26.11 -4.44
C GLU A 476 -43.79 -25.56 -3.34
N LYS A 477 -44.65 -26.42 -2.80
CA LYS A 477 -45.57 -26.02 -1.75
C LYS A 477 -44.85 -25.58 -0.48
N GLU A 478 -43.61 -26.01 -0.34
CA GLU A 478 -42.82 -25.65 0.83
C GLU A 478 -41.91 -24.45 0.56
N GLN A 479 -41.95 -23.94 -0.67
CA GLN A 479 -41.12 -22.80 -1.04
C GLN A 479 -41.92 -21.51 -0.96
N ASN A 480 -41.23 -20.42 -0.63
CA ASN A 480 -41.91 -19.13 -0.59
C ASN A 480 -41.79 -18.62 -2.03
N ARG A 481 -42.79 -18.93 -2.86
CA ARG A 481 -42.75 -18.51 -4.25
C ARG A 481 -42.89 -17.00 -4.42
N GLY A 482 -43.62 -16.36 -3.51
CA GLY A 482 -43.77 -14.91 -3.58
C GLY A 482 -42.40 -14.27 -3.49
N LEU A 483 -41.56 -14.82 -2.62
CA LEU A 483 -40.21 -14.30 -2.44
C LEU A 483 -39.43 -14.53 -3.73
N PHE A 484 -39.55 -15.74 -4.26
CA PHE A 484 -38.86 -16.13 -5.49
C PHE A 484 -39.13 -15.16 -6.64
N GLU A 485 -40.40 -14.78 -6.82
CA GLU A 485 -40.77 -13.85 -7.89
C GLU A 485 -40.22 -12.46 -7.58
N PHE A 486 -40.18 -12.11 -6.30
CA PHE A 486 -39.66 -10.82 -5.88
C PHE A 486 -38.18 -10.74 -6.31
N TYR A 487 -37.41 -11.80 -6.02
CA TYR A 487 -36.00 -11.85 -6.42
C TYR A 487 -35.89 -11.73 -7.93
N LYS A 488 -36.69 -12.53 -8.64
CA LYS A 488 -36.70 -12.55 -10.10
C LYS A 488 -36.93 -11.16 -10.68
N GLU A 489 -37.86 -10.42 -10.09
CA GLU A 489 -38.17 -9.07 -10.58
C GLU A 489 -37.02 -8.12 -10.34
N LEU A 490 -36.40 -8.21 -9.16
CA LEU A 490 -35.28 -7.33 -8.83
C LEU A 490 -34.09 -7.63 -9.74
N ILE A 491 -33.90 -8.90 -10.05
CA ILE A 491 -32.79 -9.31 -10.90
C ILE A 491 -33.01 -8.84 -12.34
N ARG A 492 -34.25 -8.91 -12.82
CA ARG A 492 -34.54 -8.46 -14.17
C ARG A 492 -34.33 -6.95 -14.25
N LEU A 493 -34.75 -6.22 -13.22
CA LEU A 493 -34.59 -4.77 -13.19
C LEU A 493 -33.12 -4.37 -13.19
N ARG A 494 -32.33 -5.09 -12.42
CA ARG A 494 -30.89 -4.81 -12.34
C ARG A 494 -30.28 -4.93 -13.73
N HIS A 495 -30.72 -5.93 -14.48
CA HIS A 495 -30.20 -6.14 -15.83
C HIS A 495 -30.73 -5.08 -16.80
N ARG A 496 -31.89 -4.50 -16.50
CA ARG A 496 -32.50 -3.50 -17.38
C ARG A 496 -32.08 -2.05 -17.15
N LEU A 497 -31.64 -1.73 -15.94
CA LEU A 497 -31.22 -0.38 -15.60
C LEU A 497 -29.69 -0.32 -15.46
N ALA A 498 -29.03 0.27 -16.46
CA ALA A 498 -27.57 0.37 -16.45
C ALA A 498 -27.01 1.03 -15.20
N SER A 499 -27.82 1.89 -14.57
CA SER A 499 -27.44 2.59 -13.35
C SER A 499 -27.12 1.61 -12.23
N LEU A 500 -27.92 0.56 -12.15
CA LEU A 500 -27.78 -0.43 -11.09
C LEU A 500 -26.54 -1.31 -11.16
N THR A 501 -25.94 -1.43 -12.34
CA THR A 501 -24.75 -2.26 -12.48
C THR A 501 -23.48 -1.48 -12.78
N ARG A 502 -23.59 -0.35 -13.47
CA ARG A 502 -22.40 0.41 -13.82
C ARG A 502 -22.41 1.86 -13.35
N GLY A 503 -23.39 2.22 -12.54
CA GLY A 503 -23.46 3.59 -12.06
C GLY A 503 -22.76 3.82 -10.72
N ASN A 504 -22.54 5.10 -10.40
CA ASN A 504 -21.92 5.43 -9.13
C ASN A 504 -23.05 5.46 -8.11
N VAL A 505 -22.75 5.91 -6.90
CA VAL A 505 -23.77 5.99 -5.86
C VAL A 505 -23.61 7.25 -5.03
N ARG A 506 -24.74 7.86 -4.70
CA ARG A 506 -24.75 9.06 -3.88
C ARG A 506 -25.95 8.98 -2.96
N SER A 507 -25.76 9.36 -1.70
CA SER A 507 -26.86 9.35 -0.74
C SER A 507 -27.85 10.43 -1.15
N TRP A 508 -29.13 10.11 -1.10
CA TRP A 508 -30.18 11.03 -1.49
C TRP A 508 -30.89 11.61 -0.26
N HIS A 509 -31.25 10.75 0.68
CA HIS A 509 -31.94 11.17 1.88
C HIS A 509 -31.60 10.22 3.03
N ALA A 510 -31.44 10.77 4.23
CA ALA A 510 -31.15 9.94 5.40
C ALA A 510 -31.66 10.64 6.65
N ASP A 511 -32.71 10.09 7.24
CA ASP A 511 -33.30 10.66 8.46
C ASP A 511 -33.31 9.65 9.60
N LYS A 512 -32.46 9.90 10.59
CA LYS A 512 -32.34 9.01 11.74
C LYS A 512 -33.68 8.79 12.45
N GLN A 513 -34.54 9.80 12.42
CA GLN A 513 -35.84 9.71 13.07
C GLN A 513 -36.80 8.74 12.39
N ALA A 514 -37.14 9.04 11.14
CA ALA A 514 -38.05 8.19 10.39
C ALA A 514 -37.36 6.90 9.97
N ASN A 515 -36.03 6.91 10.02
CA ASN A 515 -35.21 5.76 9.64
C ASN A 515 -35.46 5.44 8.18
N LEU A 516 -35.57 6.48 7.37
CA LEU A 516 -35.78 6.32 5.95
C LEU A 516 -34.46 6.62 5.25
N TYR A 517 -34.05 5.72 4.36
CA TYR A 517 -32.80 5.92 3.65
C TYR A 517 -33.01 5.87 2.14
N ALA A 518 -32.37 6.77 1.42
CA ALA A 518 -32.49 6.79 -0.03
C ALA A 518 -31.17 7.16 -0.68
N PHE A 519 -30.89 6.50 -1.81
CA PHE A 519 -29.69 6.78 -2.56
C PHE A 519 -30.03 6.83 -4.03
N VAL A 520 -29.08 7.31 -4.84
CA VAL A 520 -29.29 7.41 -6.27
C VAL A 520 -28.13 6.76 -7.04
N ARG A 521 -28.49 5.89 -7.99
CA ARG A 521 -27.49 5.24 -8.83
C ARG A 521 -27.50 6.05 -10.12
N THR A 522 -26.32 6.46 -10.57
CA THR A 522 -26.22 7.29 -11.77
C THR A 522 -25.21 6.85 -12.82
N VAL A 523 -25.63 6.88 -14.07
CA VAL A 523 -24.76 6.57 -15.19
C VAL A 523 -25.30 7.42 -16.33
N GLN A 524 -24.46 8.30 -16.87
CA GLN A 524 -24.87 9.18 -17.94
C GLN A 524 -25.98 10.08 -17.38
N ASP A 525 -27.10 10.17 -18.08
CA ASP A 525 -28.21 10.99 -17.64
C ASP A 525 -29.22 10.17 -16.84
N GLN A 526 -29.02 8.85 -16.81
CA GLN A 526 -29.94 7.99 -16.07
C GLN A 526 -29.72 8.06 -14.57
N HIS A 527 -30.83 8.24 -13.85
CA HIS A 527 -30.83 8.28 -12.39
C HIS A 527 -31.90 7.32 -11.92
N VAL A 528 -31.54 6.46 -10.97
CA VAL A 528 -32.49 5.52 -10.39
C VAL A 528 -32.40 5.77 -8.88
N GLY A 529 -33.47 6.32 -8.31
CA GLY A 529 -33.49 6.60 -6.88
C GLY A 529 -34.12 5.47 -6.10
N VAL A 530 -33.42 4.97 -5.08
CA VAL A 530 -33.95 3.89 -4.26
C VAL A 530 -34.31 4.46 -2.89
N VAL A 531 -35.57 4.31 -2.51
CA VAL A 531 -36.07 4.82 -1.24
C VAL A 531 -36.47 3.65 -0.33
N LEU A 532 -35.91 3.63 0.88
CA LEU A 532 -36.17 2.54 1.82
C LEU A 532 -36.84 3.01 3.12
N ASN A 533 -38.10 2.61 3.32
CA ASN A 533 -38.82 2.98 4.53
C ASN A 533 -38.60 1.84 5.52
N ASN A 534 -37.46 1.87 6.20
CA ASN A 534 -37.09 0.83 7.16
C ASN A 534 -37.73 1.07 8.54
N ARG A 535 -39.06 1.08 8.53
CA ARG A 535 -39.86 1.31 9.73
C ARG A 535 -41.14 0.48 9.62
N GLY A 536 -41.66 0.06 10.75
CA GLY A 536 -42.88 -0.73 10.76
C GLY A 536 -44.14 0.12 10.71
N GLU A 537 -44.06 1.28 10.07
CA GLU A 537 -45.21 2.17 9.95
C GLU A 537 -45.21 2.94 8.63
N LYS A 538 -46.40 3.35 8.20
CA LYS A 538 -46.55 4.10 6.96
C LYS A 538 -46.04 5.51 7.22
N GLN A 539 -45.16 6.01 6.34
CA GLN A 539 -44.62 7.35 6.52
C GLN A 539 -44.54 8.12 5.22
N THR A 540 -44.49 9.44 5.36
CA THR A 540 -44.40 10.34 4.22
C THR A 540 -43.12 11.13 4.36
N VAL A 541 -42.39 11.30 3.26
CA VAL A 541 -41.15 12.06 3.30
C VAL A 541 -41.04 12.99 2.11
N LEU A 542 -40.20 14.01 2.26
CA LEU A 542 -39.98 14.98 1.21
C LEU A 542 -38.52 14.90 0.79
N LEU A 543 -38.30 14.48 -0.46
CA LEU A 543 -36.95 14.36 -0.97
C LEU A 543 -36.66 15.54 -1.89
N GLN A 544 -35.43 16.05 -1.84
CA GLN A 544 -35.03 17.15 -2.69
C GLN A 544 -34.77 16.64 -4.10
N VAL A 545 -35.35 17.31 -5.08
CA VAL A 545 -35.16 16.89 -6.46
C VAL A 545 -34.97 18.04 -7.45
N PRO A 546 -33.72 18.51 -7.61
CA PRO A 546 -33.46 19.61 -8.54
C PRO A 546 -33.95 19.18 -9.92
N GLU A 547 -34.76 20.01 -10.55
CA GLU A 547 -35.32 19.71 -11.87
C GLU A 547 -34.32 19.32 -12.95
N SER A 548 -33.05 19.67 -12.78
CA SER A 548 -32.05 19.32 -13.77
C SER A 548 -31.92 17.80 -13.92
N GLY A 549 -32.35 17.07 -12.90
CA GLY A 549 -32.27 15.61 -12.95
C GLY A 549 -33.60 14.95 -13.26
N GLY A 550 -34.60 15.76 -13.60
CA GLY A 550 -35.92 15.23 -13.93
C GLY A 550 -36.97 15.68 -12.92
N LYS A 551 -38.23 15.59 -13.31
CA LYS A 551 -39.33 15.98 -12.43
C LYS A 551 -40.43 14.91 -12.42
N THR A 552 -40.15 13.79 -13.07
CA THR A 552 -41.08 12.67 -13.14
C THR A 552 -40.30 11.36 -13.04
N TRP A 553 -40.78 10.44 -12.22
CA TRP A 553 -40.11 9.16 -12.06
C TRP A 553 -41.11 8.02 -12.09
N LEU A 554 -40.64 6.86 -12.53
CA LEU A 554 -41.48 5.68 -12.60
C LEU A 554 -41.00 4.65 -11.58
N ASP A 555 -41.85 4.31 -10.62
CA ASP A 555 -41.49 3.31 -9.63
C ASP A 555 -41.53 2.01 -10.41
N CYS A 556 -40.35 1.44 -10.66
CA CYS A 556 -40.25 0.22 -11.44
C CYS A 556 -40.83 -1.04 -10.80
N LEU A 557 -41.17 -0.96 -9.53
CA LEU A 557 -41.75 -2.11 -8.84
C LEU A 557 -43.27 -2.16 -8.93
N THR A 558 -43.91 -1.02 -9.18
CA THR A 558 -45.37 -0.98 -9.22
C THR A 558 -45.96 -0.34 -10.47
N GLY A 559 -45.16 0.45 -11.18
CA GLY A 559 -45.66 1.09 -12.37
C GLY A 559 -46.22 2.47 -12.06
N GLU A 560 -46.29 2.81 -10.77
CA GLU A 560 -46.81 4.12 -10.37
C GLU A 560 -45.88 5.23 -10.83
N GLU A 561 -46.48 6.33 -11.26
CA GLU A 561 -45.75 7.49 -11.72
C GLU A 561 -45.78 8.55 -10.62
N VAL A 562 -44.63 9.10 -10.27
CA VAL A 562 -44.57 10.12 -9.24
C VAL A 562 -44.03 11.39 -9.84
N HIS A 563 -44.45 12.54 -9.29
CA HIS A 563 -44.04 13.82 -9.83
C HIS A 563 -43.50 14.77 -8.76
N GLY A 564 -42.46 15.50 -9.13
CA GLY A 564 -41.88 16.46 -8.20
C GLY A 564 -42.44 17.85 -8.43
N LYS A 565 -42.60 18.62 -7.35
CA LYS A 565 -43.11 19.98 -7.46
C LYS A 565 -42.13 20.96 -6.84
N GLN A 566 -41.67 21.90 -7.65
CA GLN A 566 -40.74 22.92 -7.20
C GLN A 566 -39.48 22.37 -6.54
N GLY A 567 -38.87 21.38 -7.17
CA GLY A 567 -37.64 20.81 -6.62
C GLY A 567 -37.81 19.90 -5.43
N GLN A 568 -39.02 19.42 -5.18
CA GLN A 568 -39.28 18.51 -4.07
C GLN A 568 -40.19 17.37 -4.49
N LEU A 569 -39.99 16.21 -3.88
CA LEU A 569 -40.79 15.02 -4.20
C LEU A 569 -41.40 14.44 -2.93
N LYS A 570 -42.73 14.38 -2.88
CA LYS A 570 -43.41 13.83 -1.72
C LYS A 570 -43.78 12.38 -1.96
N LEU A 571 -43.31 11.51 -1.08
CA LEU A 571 -43.57 10.08 -1.18
C LEU A 571 -44.15 9.54 0.11
N THR A 572 -45.08 8.61 -0.02
CA THR A 572 -45.70 7.97 1.12
C THR A 572 -45.42 6.48 0.95
N LEU A 573 -44.69 5.91 1.90
CA LEU A 573 -44.32 4.50 1.86
C LEU A 573 -45.02 3.68 2.93
N ARG A 574 -45.48 2.50 2.55
CA ARG A 574 -46.12 1.60 3.51
C ARG A 574 -44.98 1.03 4.34
N PRO A 575 -45.29 0.39 5.47
CA PRO A 575 -44.21 -0.18 6.29
C PRO A 575 -43.25 -1.11 5.54
N TYR A 576 -41.95 -0.84 5.70
CA TYR A 576 -40.90 -1.61 5.05
C TYR A 576 -41.00 -1.66 3.53
N GLN A 577 -41.65 -0.66 2.94
CA GLN A 577 -41.77 -0.62 1.50
C GLN A 577 -40.56 0.09 0.90
N GLY A 578 -40.15 -0.35 -0.29
CA GLY A 578 -39.03 0.26 -0.97
C GLY A 578 -39.50 0.66 -2.36
N MET A 579 -38.93 1.71 -2.91
CA MET A 579 -39.30 2.18 -4.24
C MET A 579 -38.05 2.33 -5.09
N ILE A 580 -38.17 1.96 -6.37
CA ILE A 580 -37.06 2.07 -7.33
C ILE A 580 -37.50 3.07 -8.40
N LEU A 581 -37.18 4.34 -8.16
CA LEU A 581 -37.56 5.43 -9.05
C LEU A 581 -36.62 5.71 -10.23
N TRP A 582 -37.07 5.37 -11.43
CA TRP A 582 -36.29 5.61 -12.65
C TRP A 582 -36.72 6.95 -13.24
N ASN A 583 -35.76 7.79 -13.62
CA ASN A 583 -36.09 9.11 -14.17
C ASN A 583 -36.35 9.09 -15.68
N GLY A 584 -36.63 7.92 -16.23
CA GLY A 584 -36.93 7.80 -17.64
C GLY A 584 -35.79 8.03 -18.63
N ARG A 585 -34.56 8.14 -18.14
CA ARG A 585 -33.42 8.34 -19.01
C ARG A 585 -32.44 7.17 -19.01
N MET B 1 -11.63 14.62 23.37
CA MET B 1 -10.69 14.38 22.24
C MET B 1 -11.40 14.46 20.90
N LEU B 2 -10.70 14.97 19.90
CA LEU B 2 -11.25 15.11 18.55
C LEU B 2 -11.06 13.80 17.79
N LEU B 3 -12.13 13.01 17.68
CA LEU B 3 -12.07 11.73 17.00
C LEU B 3 -11.72 11.82 15.51
N GLU B 4 -12.10 12.92 14.87
CA GLU B 4 -11.83 13.15 13.46
C GLU B 4 -10.33 13.23 13.18
N ALA B 5 -9.52 13.35 14.23
CA ALA B 5 -8.07 13.45 14.08
C ALA B 5 -7.32 12.18 14.45
N ILE B 6 -8.03 11.16 14.92
CA ILE B 6 -7.39 9.91 15.31
C ILE B 6 -7.30 8.96 14.13
N PHE B 7 -6.11 8.40 13.89
CA PHE B 7 -5.95 7.50 12.77
C PHE B 7 -5.05 6.27 12.94
N HIS B 8 -5.47 5.19 12.28
CA HIS B 8 -4.72 3.93 12.24
C HIS B 8 -5.27 3.07 11.13
N GLU B 9 -4.40 2.25 10.55
CA GLU B 9 -4.79 1.30 9.51
C GLU B 9 -3.87 0.11 9.68
N ALA B 10 -4.42 -1.10 9.56
CA ALA B 10 -3.63 -2.31 9.74
C ALA B 10 -2.73 -2.64 8.56
N LYS B 11 -1.88 -1.68 8.17
CA LYS B 11 -0.97 -1.88 7.04
C LYS B 11 -0.06 -0.67 6.90
N GLY B 12 0.74 -0.66 5.84
CA GLY B 12 1.64 0.46 5.60
C GLY B 12 2.60 0.74 6.72
N SER B 13 2.66 2.01 7.14
CA SER B 13 3.57 2.39 8.21
C SER B 13 2.86 2.47 9.56
N TYR B 14 1.61 2.04 9.62
CA TYR B 14 0.87 2.08 10.88
C TYR B 14 0.73 0.71 11.52
N ALA B 15 1.00 -0.33 10.73
CA ALA B 15 0.96 -1.70 11.21
C ALA B 15 1.87 -2.52 10.32
N TYR B 16 2.94 -3.06 10.89
CA TYR B 16 3.89 -3.87 10.13
C TYR B 16 4.74 -4.70 11.07
N PRO B 17 5.17 -5.88 10.62
CA PRO B 17 5.99 -6.73 11.49
C PRO B 17 7.47 -6.38 11.52
N ILE B 18 8.12 -6.63 12.65
CA ILE B 18 9.56 -6.39 12.75
C ILE B 18 10.25 -7.73 12.88
N SER B 19 9.46 -8.78 13.08
CA SER B 19 9.97 -10.15 13.15
C SER B 19 8.78 -11.03 12.83
N GLU B 20 8.99 -12.35 12.78
CA GLU B 20 7.89 -13.26 12.44
C GLU B 20 6.78 -13.32 13.49
N THR B 21 7.07 -12.88 14.71
CA THR B 21 6.08 -12.92 15.79
C THR B 21 5.82 -11.57 16.45
N GLN B 22 6.35 -10.49 15.89
CA GLN B 22 6.14 -9.18 16.49
C GLN B 22 5.64 -8.13 15.51
N LEU B 23 4.56 -7.46 15.90
CA LEU B 23 3.95 -6.44 15.06
C LEU B 23 4.07 -5.05 15.65
N ARG B 24 4.63 -4.14 14.88
CA ARG B 24 4.78 -2.74 15.27
C ARG B 24 3.48 -2.05 14.86
N VAL B 25 2.88 -1.31 15.78
CA VAL B 25 1.63 -0.59 15.51
C VAL B 25 1.75 0.87 15.92
N ARG B 26 1.27 1.75 15.06
CA ARG B 26 1.29 3.19 15.31
C ARG B 26 -0.10 3.79 15.30
N LEU B 27 -0.27 4.90 16.02
CA LEU B 27 -1.56 5.59 16.06
C LEU B 27 -1.32 7.08 16.17
N ARG B 28 -2.12 7.82 15.41
CA ARG B 28 -2.04 9.27 15.35
C ARG B 28 -3.30 9.85 16.02
N ALA B 29 -3.14 11.00 16.66
CA ALA B 29 -4.25 11.70 17.30
C ALA B 29 -3.86 13.17 17.47
N LYS B 30 -4.85 14.04 17.57
CA LYS B 30 -4.58 15.46 17.75
C LYS B 30 -3.67 15.63 18.96
N LYS B 31 -2.65 16.45 18.79
CA LYS B 31 -1.66 16.71 19.83
C LYS B 31 -2.33 17.06 21.16
N GLY B 32 -1.98 16.34 22.22
CA GLY B 32 -2.55 16.61 23.53
C GLY B 32 -3.88 15.95 23.83
N ASP B 33 -4.52 15.36 22.84
CA ASP B 33 -5.82 14.71 23.03
C ASP B 33 -5.76 13.37 23.74
N VAL B 34 -4.65 12.67 23.60
CA VAL B 34 -4.50 11.36 24.23
C VAL B 34 -3.29 11.34 25.16
N VAL B 35 -3.52 10.97 26.41
CA VAL B 35 -2.42 10.91 27.37
C VAL B 35 -2.00 9.46 27.57
N ARG B 36 -2.88 8.53 27.23
CA ARG B 36 -2.58 7.13 27.38
C ARG B 36 -3.17 6.33 26.23
N CYS B 37 -2.35 5.51 25.59
CA CYS B 37 -2.78 4.68 24.48
C CYS B 37 -2.36 3.25 24.75
N GLU B 38 -3.35 2.38 24.90
CA GLU B 38 -3.09 0.97 25.18
C GLU B 38 -3.70 0.12 24.09
N VAL B 39 -3.05 -0.99 23.76
CA VAL B 39 -3.57 -1.87 22.75
C VAL B 39 -3.95 -3.20 23.38
N LEU B 40 -5.20 -3.62 23.17
CA LEU B 40 -5.71 -4.88 23.68
C LEU B 40 -5.77 -5.80 22.49
N TYR B 41 -5.10 -6.95 22.58
CA TYR B 41 -5.05 -7.85 21.44
C TYR B 41 -5.08 -9.34 21.76
N ALA B 42 -5.24 -10.14 20.72
CA ALA B 42 -5.30 -11.59 20.86
C ALA B 42 -5.18 -12.26 19.50
N ASP B 43 -5.06 -13.58 19.53
CA ASP B 43 -5.00 -14.33 18.27
C ASP B 43 -6.35 -14.12 17.59
N ARG B 44 -6.35 -14.10 16.26
CA ARG B 44 -7.57 -13.89 15.51
C ARG B 44 -8.64 -14.97 15.70
N TYR B 45 -8.25 -16.15 16.18
CA TYR B 45 -9.23 -17.22 16.41
C TYR B 45 -9.48 -17.48 17.89
N ALA B 46 -9.12 -16.50 18.72
CA ALA B 46 -9.30 -16.62 20.16
C ALA B 46 -10.77 -16.61 20.54
N SER B 47 -11.11 -17.43 21.54
CA SER B 47 -12.47 -17.52 22.03
C SER B 47 -12.93 -16.14 22.51
N PRO B 48 -14.23 -15.83 22.37
CA PRO B 48 -14.78 -14.54 22.80
C PRO B 48 -14.56 -14.23 24.27
N GLU B 49 -14.17 -15.25 25.04
CA GLU B 49 -13.93 -15.08 26.46
C GLU B 49 -12.44 -15.15 26.81
N GLU B 50 -11.59 -15.26 25.79
CA GLU B 50 -10.15 -15.33 26.00
C GLU B 50 -9.67 -14.11 26.79
N GLU B 51 -8.53 -14.25 27.44
CA GLU B 51 -7.94 -13.16 28.22
C GLU B 51 -7.11 -12.32 27.25
N LEU B 52 -7.57 -11.11 26.95
CA LEU B 52 -6.85 -10.23 26.02
C LEU B 52 -5.46 -9.83 26.52
N ALA B 53 -4.52 -9.74 25.60
CA ALA B 53 -3.15 -9.33 25.94
C ALA B 53 -3.10 -7.80 25.99
N HIS B 54 -2.15 -7.26 26.72
CA HIS B 54 -2.03 -5.81 26.84
C HIS B 54 -0.67 -5.29 26.40
N ALA B 55 -0.68 -4.19 25.67
CA ALA B 55 0.56 -3.57 25.22
C ALA B 55 0.37 -2.06 25.34
N LEU B 56 1.24 -1.42 26.10
CA LEU B 56 1.17 0.01 26.28
C LEU B 56 1.99 0.71 25.20
N ALA B 57 1.39 1.69 24.56
CA ALA B 57 2.07 2.45 23.52
C ALA B 57 2.77 3.64 24.12
N GLY B 58 3.97 3.94 23.65
CA GLY B 58 4.68 5.10 24.17
C GLY B 58 4.50 6.23 23.17
N LYS B 59 4.65 7.47 23.61
CA LYS B 59 4.51 8.59 22.68
C LYS B 59 5.79 8.61 21.86
N ALA B 60 5.71 8.19 20.60
CA ALA B 60 6.89 8.14 19.75
C ALA B 60 7.30 9.50 19.19
N GLY B 61 6.42 10.48 19.30
CA GLY B 61 6.72 11.81 18.80
C GLY B 61 5.50 12.67 18.54
N SER B 62 5.73 13.90 18.12
CA SER B 62 4.65 14.84 17.83
C SER B 62 5.08 15.79 16.73
N ASP B 63 4.19 16.10 15.80
CA ASP B 63 4.56 17.06 14.77
C ASP B 63 3.77 18.34 15.06
N GLU B 64 3.46 19.14 14.05
CA GLU B 64 2.73 20.37 14.33
C GLU B 64 1.26 20.16 14.69
N ARG B 65 0.69 19.03 14.28
CA ARG B 65 -0.71 18.75 14.57
C ARG B 65 -1.02 17.52 15.41
N PHE B 66 -0.20 16.48 15.32
CA PHE B 66 -0.50 15.26 16.07
C PHE B 66 0.58 14.71 16.99
N ASP B 67 0.15 13.75 17.81
CA ASP B 67 1.02 13.00 18.71
C ASP B 67 0.98 11.64 18.04
N TYR B 68 2.11 10.94 18.04
CA TYR B 68 2.17 9.60 17.46
C TYR B 68 2.47 8.61 18.58
N PHE B 69 1.66 7.56 18.68
CA PHE B 69 1.84 6.53 19.69
C PHE B 69 2.30 5.26 18.99
N GLU B 70 3.13 4.49 19.68
CA GLU B 70 3.69 3.28 19.11
C GLU B 70 3.79 2.13 20.11
N ALA B 71 3.29 0.97 19.73
CA ALA B 71 3.37 -0.20 20.59
C ALA B 71 3.91 -1.40 19.82
N LEU B 72 4.34 -2.41 20.56
CA LEU B 72 4.86 -3.63 19.96
C LEU B 72 3.94 -4.75 20.42
N LEU B 73 3.39 -5.49 19.45
CA LEU B 73 2.50 -6.59 19.78
C LEU B 73 3.21 -7.94 19.66
N GLU B 74 3.23 -8.69 20.76
CA GLU B 74 3.87 -10.00 20.77
C GLU B 74 2.84 -11.02 20.28
N CYS B 75 3.02 -11.50 19.06
CA CYS B 75 2.07 -12.43 18.46
C CYS B 75 2.68 -13.79 18.13
N SER B 76 2.69 -14.67 19.12
CA SER B 76 3.25 -16.01 18.94
C SER B 76 2.55 -16.79 17.81
N THR B 77 1.26 -16.55 17.64
CA THR B 77 0.50 -17.24 16.59
C THR B 77 0.69 -16.62 15.21
N LYS B 78 1.28 -15.43 15.16
CA LYS B 78 1.53 -14.73 13.88
C LYS B 78 0.22 -14.21 13.26
N ARG B 79 -0.85 -14.20 14.05
CA ARG B 79 -2.17 -13.75 13.61
C ARG B 79 -2.72 -12.90 14.76
N VAL B 80 -3.09 -11.66 14.48
CA VAL B 80 -3.58 -10.82 15.56
C VAL B 80 -4.74 -9.87 15.24
N LYS B 81 -5.65 -9.74 16.20
CA LYS B 81 -6.78 -8.83 16.10
C LYS B 81 -6.56 -7.92 17.31
N TYR B 82 -6.85 -6.63 17.15
CA TYR B 82 -6.61 -5.71 18.25
C TYR B 82 -7.50 -4.48 18.26
N VAL B 83 -7.61 -3.86 19.43
CA VAL B 83 -8.40 -2.65 19.60
C VAL B 83 -7.61 -1.70 20.50
N PHE B 84 -7.73 -0.41 20.24
CA PHE B 84 -7.04 0.60 21.04
C PHE B 84 -7.95 1.13 22.13
N LEU B 85 -7.35 1.47 23.27
CA LEU B 85 -8.07 2.05 24.40
C LEU B 85 -7.38 3.39 24.59
N LEU B 86 -8.08 4.47 24.26
CA LEU B 86 -7.51 5.80 24.36
C LEU B 86 -8.04 6.57 25.56
N THR B 87 -7.15 7.20 26.30
CA THR B 87 -7.55 7.98 27.46
C THR B 87 -7.16 9.44 27.33
N GLY B 88 -8.13 10.33 27.46
CA GLY B 88 -7.88 11.75 27.36
C GLY B 88 -7.39 12.35 28.67
N PRO B 89 -7.06 13.65 28.69
CA PRO B 89 -6.57 14.39 29.86
C PRO B 89 -7.57 14.41 31.02
N GLN B 90 -8.85 14.40 30.69
CA GLN B 90 -9.91 14.44 31.70
C GLN B 90 -10.39 13.03 32.05
N GLY B 91 -9.60 12.03 31.66
CA GLY B 91 -9.98 10.67 31.97
C GLY B 91 -10.97 10.03 31.00
N GLU B 92 -11.38 10.77 29.98
CA GLU B 92 -12.33 10.24 29.00
C GLU B 92 -11.66 9.06 28.28
N ALA B 93 -12.31 7.92 28.30
CA ALA B 93 -11.80 6.71 27.66
C ALA B 93 -12.61 6.32 26.43
N VAL B 94 -11.93 5.80 25.42
CA VAL B 94 -12.60 5.40 24.19
C VAL B 94 -11.90 4.21 23.54
N TYR B 95 -12.67 3.26 23.03
CA TYR B 95 -12.09 2.14 22.32
C TYR B 95 -12.10 2.52 20.85
N PHE B 96 -11.04 2.14 20.13
CA PHE B 96 -10.92 2.45 18.72
C PHE B 96 -10.50 1.19 17.96
N GLY B 97 -11.39 0.72 17.09
CA GLY B 97 -11.14 -0.46 16.30
C GLY B 97 -11.57 -0.23 14.85
N GLU B 98 -11.54 -1.29 14.04
CA GLU B 98 -11.92 -1.18 12.64
C GLU B 98 -13.34 -0.66 12.45
N THR B 99 -14.25 -1.11 13.31
CA THR B 99 -15.64 -0.67 13.21
C THR B 99 -15.77 0.82 13.52
N GLY B 100 -15.01 1.29 14.50
CA GLY B 100 -15.07 2.71 14.84
C GLY B 100 -14.73 2.98 16.29
N PHE B 101 -15.35 4.02 16.83
CA PHE B 101 -15.13 4.40 18.23
C PHE B 101 -16.36 4.10 19.07
N SER B 102 -16.12 3.64 20.29
CA SER B 102 -17.21 3.32 21.20
C SER B 102 -16.68 3.18 22.61
N ALA B 103 -17.57 3.34 23.58
CA ALA B 103 -17.23 3.19 24.98
C ALA B 103 -17.28 1.69 25.28
N GLU B 104 -17.99 0.95 24.42
CA GLU B 104 -18.13 -0.50 24.55
C GLU B 104 -17.09 -1.16 23.63
N ARG B 105 -16.10 -1.83 24.21
CA ARG B 105 -15.05 -2.48 23.44
C ARG B 105 -15.62 -3.25 22.25
N SER B 106 -16.70 -3.98 22.50
CA SER B 106 -17.37 -4.79 21.49
C SER B 106 -17.79 -3.99 20.25
N LYS B 107 -18.34 -2.81 20.48
CA LYS B 107 -18.82 -1.97 19.39
C LYS B 107 -17.73 -1.27 18.59
N ALA B 108 -16.52 -1.19 19.14
CA ALA B 108 -15.41 -0.55 18.45
C ALA B 108 -14.87 -1.49 17.38
N GLY B 109 -15.22 -2.77 17.48
CA GLY B 109 -14.74 -3.72 16.52
C GLY B 109 -13.26 -3.98 16.74
N VAL B 110 -12.60 -4.57 15.76
CA VAL B 110 -11.20 -4.89 15.93
C VAL B 110 -10.40 -4.81 14.63
N PHE B 111 -9.22 -4.20 14.71
CA PHE B 111 -8.33 -4.13 13.56
C PHE B 111 -7.71 -5.53 13.46
N GLN B 112 -7.34 -5.93 12.25
CA GLN B 112 -6.74 -7.25 12.09
C GLN B 112 -5.55 -7.28 11.17
N TYR B 113 -4.45 -7.87 11.64
CA TYR B 113 -3.28 -8.07 10.79
C TYR B 113 -3.39 -9.58 10.65
N ALA B 114 -4.02 -9.99 9.56
CA ALA B 114 -4.30 -11.39 9.26
C ALA B 114 -3.20 -12.41 9.51
N TYR B 115 -2.02 -12.19 8.94
CA TYR B 115 -0.94 -13.15 9.13
C TYR B 115 0.42 -12.50 8.94
N ILE B 116 1.40 -12.98 9.71
CA ILE B 116 2.76 -12.46 9.57
C ILE B 116 3.61 -13.51 8.87
N HIS B 117 3.94 -13.25 7.61
CA HIS B 117 4.76 -14.15 6.84
C HIS B 117 6.21 -13.68 6.95
N ARG B 118 7.12 -14.59 7.27
CA ARG B 118 8.53 -14.22 7.41
C ARG B 118 9.06 -13.51 6.17
N SER B 119 8.57 -13.91 4.99
CA SER B 119 9.03 -13.29 3.75
C SER B 119 8.54 -11.84 3.63
N GLU B 120 7.65 -11.44 4.54
CA GLU B 120 7.12 -10.09 4.50
C GLU B 120 7.66 -9.16 5.59
N VAL B 121 8.63 -9.66 6.35
CA VAL B 121 9.25 -8.83 7.39
C VAL B 121 10.30 -8.02 6.63
N PHE B 122 10.08 -6.72 6.52
CA PHE B 122 11.01 -5.81 5.82
C PHE B 122 12.43 -6.07 6.33
N THR B 123 13.32 -6.46 5.44
CA THR B 123 14.70 -6.74 5.84
C THR B 123 15.73 -6.05 4.94
N THR B 124 16.63 -5.29 5.57
CA THR B 124 17.67 -4.55 4.84
C THR B 124 19.07 -5.05 5.21
N PRO B 125 20.07 -4.78 4.35
CA PRO B 125 21.44 -5.24 4.65
C PRO B 125 21.98 -4.66 5.96
N GLU B 126 22.49 -5.52 6.82
CA GLU B 126 23.03 -5.10 8.11
C GLU B 126 24.08 -4.00 8.01
N TRP B 127 25.01 -4.14 7.06
CA TRP B 127 26.07 -3.15 6.90
C TRP B 127 25.56 -1.76 6.54
N ALA B 128 24.46 -1.68 5.80
CA ALA B 128 23.90 -0.41 5.40
C ALA B 128 23.39 0.40 6.58
N LYS B 129 23.12 -0.28 7.69
CA LYS B 129 22.62 0.37 8.91
C LYS B 129 23.65 1.26 9.61
N GLU B 130 24.93 0.98 9.39
CA GLU B 130 25.97 1.77 10.03
C GLU B 130 26.99 2.32 9.06
N ALA B 131 26.57 2.50 7.82
CA ALA B 131 27.47 3.00 6.80
C ALA B 131 27.45 4.52 6.64
N VAL B 132 28.49 5.02 6.00
CA VAL B 132 28.62 6.43 5.68
C VAL B 132 28.97 6.36 4.19
N ILE B 133 28.05 6.84 3.37
CA ILE B 133 28.21 6.79 1.92
C ILE B 133 28.89 8.05 1.38
N TYR B 134 29.71 7.87 0.35
CA TYR B 134 30.41 8.97 -0.29
C TYR B 134 30.00 8.97 -1.76
N GLN B 135 29.44 10.09 -2.23
CA GLN B 135 29.00 10.17 -3.62
C GLN B 135 30.10 10.68 -4.53
N ILE B 136 30.40 9.90 -5.56
CA ILE B 136 31.41 10.27 -6.51
C ILE B 136 30.85 10.47 -7.91
N PHE B 137 31.11 11.64 -8.47
CA PHE B 137 30.71 11.99 -9.83
C PHE B 137 32.08 11.83 -10.50
N PRO B 138 32.36 10.61 -11.02
CA PRO B 138 33.60 10.20 -11.69
C PRO B 138 34.32 11.15 -12.66
N GLU B 139 33.58 11.91 -13.46
CA GLU B 139 34.21 12.83 -14.41
C GLU B 139 34.91 13.97 -13.68
N ARG B 140 34.54 14.19 -12.43
CA ARG B 140 35.11 15.28 -11.64
C ARG B 140 35.85 14.91 -10.36
N PHE B 141 36.04 13.63 -10.08
CA PHE B 141 36.72 13.26 -8.84
C PHE B 141 38.24 13.27 -8.93
N ALA B 142 38.81 12.50 -9.85
CA ALA B 142 40.25 12.45 -9.99
C ALA B 142 40.69 11.90 -11.34
N ASN B 143 41.53 12.66 -12.03
CA ASN B 143 42.04 12.28 -13.34
C ASN B 143 43.31 11.47 -13.12
N GLY B 144 43.17 10.15 -13.02
CA GLY B 144 44.33 9.29 -12.80
C GLY B 144 45.04 8.89 -14.07
N ASP B 145 44.38 9.09 -15.21
CA ASP B 145 44.95 8.72 -16.50
C ASP B 145 44.56 9.73 -17.58
N PRO B 146 45.45 10.70 -17.85
CA PRO B 146 45.18 11.73 -18.87
C PRO B 146 45.11 11.19 -20.29
N SER B 147 45.56 9.96 -20.50
CA SER B 147 45.54 9.37 -21.83
C SER B 147 44.13 9.02 -22.31
N ASN B 148 43.17 8.98 -21.38
CA ASN B 148 41.79 8.65 -21.76
C ASN B 148 40.91 9.90 -21.69
N ASP B 149 41.53 11.04 -21.42
CA ASP B 149 40.79 12.29 -21.32
C ASP B 149 40.05 12.60 -22.62
N PRO B 150 38.79 13.03 -22.52
CA PRO B 150 38.05 13.35 -23.74
C PRO B 150 38.68 14.60 -24.36
N PRO B 151 38.55 14.75 -25.68
CA PRO B 151 39.15 15.93 -26.31
C PRO B 151 38.41 17.18 -25.82
N GLY B 152 39.16 18.26 -25.57
CA GLY B 152 38.54 19.48 -25.10
C GLY B 152 38.52 19.56 -23.58
N THR B 153 39.26 18.67 -22.93
CA THR B 153 39.35 18.64 -21.48
C THR B 153 39.88 19.96 -20.92
N GLU B 154 39.18 20.50 -19.93
CA GLU B 154 39.55 21.76 -19.31
C GLU B 154 40.51 21.62 -18.13
N GLN B 155 41.05 22.75 -17.70
CA GLN B 155 42.00 22.81 -16.58
C GLN B 155 41.42 22.36 -15.24
N TRP B 156 42.13 21.47 -14.57
CA TRP B 156 41.69 20.98 -13.26
C TRP B 156 42.15 21.97 -12.20
N ALA B 157 41.31 22.96 -11.91
CA ALA B 157 41.64 23.97 -10.91
C ALA B 157 40.43 24.40 -10.09
N LYS B 158 40.69 24.95 -8.91
CA LYS B 158 39.64 25.40 -8.02
C LYS B 158 38.88 26.60 -8.56
N ASP B 159 39.40 27.19 -9.63
CA ASP B 159 38.75 28.35 -10.25
C ASP B 159 37.92 27.93 -11.45
N ALA B 160 37.85 26.62 -11.67
CA ALA B 160 37.09 26.08 -12.78
C ALA B 160 35.59 26.33 -12.60
N ARG B 161 34.92 26.66 -13.69
CA ARG B 161 33.49 26.91 -13.69
C ARG B 161 32.89 26.12 -14.85
N PRO B 162 32.51 24.87 -14.59
CA PRO B 162 31.93 23.94 -15.57
C PRO B 162 30.69 24.43 -16.30
N ARG B 163 30.54 23.98 -17.55
CA ARG B 163 29.38 24.29 -18.37
C ARG B 163 28.68 22.94 -18.54
N HIS B 164 27.45 22.95 -19.03
CA HIS B 164 26.72 21.70 -19.18
C HIS B 164 27.43 20.68 -20.05
N ASP B 165 28.43 21.11 -20.82
CA ASP B 165 29.15 20.20 -21.70
C ASP B 165 30.67 20.14 -21.50
N SER B 166 31.15 20.54 -20.32
CA SER B 166 32.58 20.51 -20.04
C SER B 166 33.07 19.11 -19.69
N PHE B 167 34.37 18.91 -19.80
CA PHE B 167 35.01 17.63 -19.45
C PHE B 167 36.30 17.99 -18.72
N TYR B 168 36.66 17.21 -17.71
CA TYR B 168 37.87 17.46 -16.96
C TYR B 168 38.79 16.24 -16.87
N GLY B 169 38.31 15.11 -17.36
CA GLY B 169 39.14 13.91 -17.37
C GLY B 169 39.04 12.94 -16.20
N GLY B 170 38.09 13.14 -15.30
CA GLY B 170 37.95 12.23 -14.17
C GLY B 170 37.79 10.80 -14.64
N ASP B 171 38.37 9.85 -13.91
CA ASP B 171 38.27 8.45 -14.30
C ASP B 171 38.38 7.49 -13.11
N LEU B 172 38.27 6.20 -13.39
CA LEU B 172 38.32 5.17 -12.35
C LEU B 172 39.70 4.96 -11.75
N LYS B 173 40.74 5.17 -12.56
CA LYS B 173 42.10 5.02 -12.07
C LYS B 173 42.30 6.09 -11.01
N GLY B 174 41.69 7.26 -11.25
CA GLY B 174 41.80 8.36 -10.30
C GLY B 174 41.18 7.98 -8.96
N VAL B 175 40.02 7.33 -9.01
CA VAL B 175 39.34 6.91 -7.79
C VAL B 175 40.23 5.94 -7.03
N ILE B 176 40.82 4.99 -7.75
CA ILE B 176 41.71 4.01 -7.14
C ILE B 176 42.85 4.72 -6.41
N ASP B 177 43.49 5.66 -7.11
CA ASP B 177 44.61 6.41 -6.54
C ASP B 177 44.23 7.19 -5.30
N ARG B 178 42.95 7.51 -5.17
CA ARG B 178 42.49 8.29 -4.04
C ARG B 178 41.82 7.50 -2.93
N LEU B 179 41.78 6.18 -3.04
CA LEU B 179 41.16 5.37 -2.00
C LEU B 179 41.78 5.65 -0.62
N PRO B 180 43.11 5.87 -0.54
CA PRO B 180 43.72 6.15 0.77
C PRO B 180 43.03 7.34 1.43
N TYR B 181 42.72 8.35 0.62
CA TYR B 181 42.05 9.54 1.11
C TYR B 181 40.65 9.19 1.64
N LEU B 182 39.94 8.38 0.88
CA LEU B 182 38.59 7.98 1.24
C LEU B 182 38.62 7.06 2.48
N GLU B 183 39.62 6.19 2.54
CA GLU B 183 39.73 5.31 3.70
C GLU B 183 40.04 6.16 4.93
N GLU B 184 40.90 7.16 4.78
CA GLU B 184 41.23 8.02 5.92
C GLU B 184 39.98 8.76 6.39
N LEU B 185 39.19 9.26 5.45
CA LEU B 185 37.96 9.97 5.79
C LEU B 185 37.05 9.06 6.62
N GLY B 186 37.09 7.76 6.33
CA GLY B 186 36.29 6.80 7.06
C GLY B 186 35.00 6.39 6.41
N VAL B 187 34.84 6.65 5.11
CA VAL B 187 33.62 6.25 4.42
C VAL B 187 33.59 4.75 4.24
N THR B 188 32.40 4.17 4.24
CA THR B 188 32.28 2.72 4.10
C THR B 188 31.61 2.27 2.80
N ALA B 189 31.23 3.23 1.96
CA ALA B 189 30.62 2.90 0.68
C ALA B 189 30.74 4.05 -0.29
N LEU B 190 30.86 3.72 -1.57
CA LEU B 190 30.98 4.71 -2.63
C LEU B 190 29.79 4.60 -3.57
N TYR B 191 29.04 5.70 -3.73
CA TYR B 191 27.93 5.72 -4.66
C TYR B 191 28.40 6.49 -5.89
N PHE B 192 28.45 5.79 -7.03
CA PHE B 192 28.90 6.39 -8.28
C PHE B 192 27.73 6.75 -9.18
N THR B 193 27.81 7.90 -9.83
CA THR B 193 26.79 8.27 -10.80
C THR B 193 27.16 7.35 -11.98
N PRO B 194 26.32 7.28 -13.02
CA PRO B 194 26.67 6.37 -14.13
C PRO B 194 28.12 6.34 -14.63
N ILE B 195 28.60 5.12 -14.89
CA ILE B 195 29.96 4.90 -15.36
C ILE B 195 30.01 4.08 -16.65
N PHE B 196 28.84 3.78 -17.22
CA PHE B 196 28.77 3.01 -18.45
C PHE B 196 28.91 3.93 -19.66
N ALA B 197 29.36 3.36 -20.78
CA ALA B 197 29.58 4.11 -22.01
C ALA B 197 28.47 5.11 -22.34
N SER B 198 28.86 6.38 -22.45
CA SER B 198 27.92 7.47 -22.75
C SER B 198 28.72 8.66 -23.28
N PRO B 199 28.16 9.39 -24.26
CA PRO B 199 28.85 10.56 -24.84
C PRO B 199 28.93 11.83 -23.98
N SER B 200 28.06 11.95 -22.98
CA SER B 200 28.05 13.13 -22.11
C SER B 200 29.01 13.02 -20.91
N HIS B 201 29.12 14.09 -20.14
CA HIS B 201 29.99 14.11 -18.96
C HIS B 201 29.29 13.47 -17.75
N HIS B 202 27.96 13.45 -17.77
CA HIS B 202 27.19 12.90 -16.66
C HIS B 202 26.83 11.43 -16.90
N LYS B 203 26.75 11.04 -18.16
CA LYS B 203 26.47 9.66 -18.56
C LYS B 203 25.08 9.10 -18.27
N TYR B 204 24.07 9.95 -18.10
CA TYR B 204 22.73 9.45 -17.84
C TYR B 204 22.01 9.04 -19.14
N ASP B 205 22.65 9.36 -20.28
CA ASP B 205 22.12 8.99 -21.58
C ASP B 205 23.01 7.85 -22.07
N THR B 206 22.69 6.66 -21.57
CA THR B 206 23.44 5.43 -21.84
C THR B 206 23.53 4.92 -23.28
N ALA B 207 24.76 4.75 -23.74
CA ALA B 207 25.04 4.22 -25.08
C ALA B 207 25.20 2.70 -24.98
N ASP B 208 25.89 2.23 -23.93
CA ASP B 208 26.12 0.81 -23.74
C ASP B 208 26.16 0.45 -22.26
N TYR B 209 25.12 -0.26 -21.80
CA TYR B 209 25.00 -0.66 -20.41
C TYR B 209 26.01 -1.74 -20.00
N LEU B 210 26.57 -2.43 -20.97
CA LEU B 210 27.50 -3.51 -20.69
C LEU B 210 28.97 -3.15 -20.83
N ALA B 211 29.26 -1.86 -20.91
CA ALA B 211 30.65 -1.44 -21.04
C ALA B 211 30.99 -0.23 -20.18
N ILE B 212 32.17 -0.28 -19.58
CA ILE B 212 32.65 0.84 -18.78
C ILE B 212 32.91 1.92 -19.83
N ASP B 213 32.67 3.18 -19.50
CA ASP B 213 32.90 4.25 -20.45
C ASP B 213 34.40 4.36 -20.75
N PRO B 214 34.78 4.34 -22.04
CA PRO B 214 36.18 4.43 -22.46
C PRO B 214 36.97 5.54 -21.76
N GLN B 215 36.32 6.67 -21.52
CA GLN B 215 36.99 7.79 -20.87
C GLN B 215 37.22 7.54 -19.38
N PHE B 216 36.50 6.58 -18.82
CA PHE B 216 36.63 6.23 -17.40
C PHE B 216 37.58 5.08 -17.17
N GLY B 217 37.60 4.13 -18.12
CA GLY B 217 38.48 2.98 -18.01
C GLY B 217 37.97 1.79 -18.79
N ASP B 218 38.23 0.60 -18.26
CA ASP B 218 37.80 -0.64 -18.88
C ASP B 218 37.36 -1.58 -17.76
N LEU B 219 36.90 -2.77 -18.12
CA LEU B 219 36.46 -3.73 -17.11
C LEU B 219 37.56 -4.09 -16.11
N PRO B 220 38.77 -4.38 -16.58
CA PRO B 220 39.85 -4.75 -15.64
C PRO B 220 40.08 -3.66 -14.60
N THR B 221 40.06 -2.41 -15.02
CA THR B 221 40.25 -1.30 -14.10
C THR B 221 39.13 -1.25 -13.08
N PHE B 222 37.89 -1.44 -13.55
CA PHE B 222 36.74 -1.43 -12.64
C PHE B 222 36.89 -2.52 -11.59
N ARG B 223 37.30 -3.72 -12.03
CA ARG B 223 37.49 -4.84 -11.12
C ARG B 223 38.57 -4.52 -10.09
N ARG B 224 39.60 -3.80 -10.54
CA ARG B 224 40.70 -3.41 -9.67
C ARG B 224 40.13 -2.49 -8.59
N LEU B 225 39.30 -1.55 -9.01
CA LEU B 225 38.66 -0.60 -8.10
C LEU B 225 37.80 -1.32 -7.06
N VAL B 226 36.98 -2.27 -7.51
CA VAL B 226 36.13 -3.01 -6.59
C VAL B 226 36.99 -3.70 -5.53
N ASP B 227 38.01 -4.42 -5.98
CA ASP B 227 38.90 -5.14 -5.07
C ASP B 227 39.63 -4.20 -4.10
N GLU B 228 40.20 -3.12 -4.63
CA GLU B 228 40.93 -2.18 -3.79
C GLU B 228 40.02 -1.47 -2.79
N ALA B 229 38.80 -1.18 -3.20
CA ALA B 229 37.82 -0.54 -2.32
C ALA B 229 37.43 -1.51 -1.20
N HIS B 230 37.10 -2.74 -1.59
CA HIS B 230 36.71 -3.75 -0.61
C HIS B 230 37.76 -4.03 0.46
N ARG B 231 39.02 -4.14 0.07
CA ARG B 231 40.04 -4.41 1.07
C ARG B 231 40.26 -3.20 1.98
N ARG B 232 39.73 -2.05 1.59
CA ARG B 232 39.83 -0.84 2.40
C ARG B 232 38.55 -0.66 3.21
N GLY B 233 37.67 -1.66 3.16
CA GLY B 233 36.41 -1.59 3.89
C GLY B 233 35.39 -0.69 3.20
N ILE B 234 35.52 -0.53 1.88
CA ILE B 234 34.61 0.33 1.13
C ILE B 234 33.79 -0.45 0.10
N LYS B 235 32.47 -0.29 0.16
CA LYS B 235 31.57 -0.97 -0.77
C LYS B 235 31.29 -0.11 -2.00
N ILE B 236 30.79 -0.75 -3.06
CA ILE B 236 30.51 -0.06 -4.31
C ILE B 236 29.04 -0.07 -4.71
N ILE B 237 28.47 1.13 -4.86
CA ILE B 237 27.08 1.25 -5.27
C ILE B 237 27.07 1.91 -6.64
N LEU B 238 26.42 1.26 -7.60
CA LEU B 238 26.36 1.80 -8.95
C LEU B 238 25.01 2.44 -9.26
N ASP B 239 25.01 3.39 -10.18
CA ASP B 239 23.80 4.12 -10.59
C ASP B 239 23.13 3.39 -11.75
N ALA B 240 21.92 2.89 -11.53
CA ALA B 240 21.20 2.18 -12.58
C ALA B 240 20.22 3.11 -13.29
N VAL B 241 20.44 3.35 -14.57
CA VAL B 241 19.58 4.22 -15.36
C VAL B 241 18.61 3.37 -16.17
N PHE B 242 17.58 2.86 -15.51
CA PHE B 242 16.61 2.00 -16.18
C PHE B 242 15.32 2.66 -16.62
N ASN B 243 15.15 3.94 -16.32
CA ASN B 243 13.93 4.62 -16.74
C ASN B 243 13.99 5.04 -18.21
N HIS B 244 15.19 5.38 -18.65
CA HIS B 244 15.39 5.81 -20.02
C HIS B 244 16.79 5.45 -20.48
N ALA B 245 16.93 5.24 -21.78
CA ALA B 245 18.21 4.91 -22.38
C ALA B 245 18.75 6.17 -23.02
N GLY B 246 19.90 6.06 -23.67
CA GLY B 246 20.50 7.18 -24.36
C GLY B 246 20.12 6.98 -25.81
N ASP B 247 20.18 8.03 -26.63
CA ASP B 247 19.82 7.88 -28.03
C ASP B 247 20.82 6.97 -28.76
N GLN B 248 21.94 6.68 -28.11
CA GLN B 248 22.97 5.83 -28.67
C GLN B 248 22.72 4.36 -28.36
N PHE B 249 21.80 4.09 -27.44
CA PHE B 249 21.46 2.71 -27.07
C PHE B 249 21.18 1.93 -28.35
N PHE B 250 21.80 0.77 -28.51
CA PHE B 250 21.66 -0.05 -29.71
C PHE B 250 20.21 -0.25 -30.16
N ALA B 251 19.33 -0.60 -29.22
CA ALA B 251 17.93 -0.83 -29.55
C ALA B 251 17.25 0.43 -30.10
N PHE B 252 17.61 1.59 -29.57
CA PHE B 252 17.01 2.82 -30.03
C PHE B 252 17.54 3.24 -31.40
N ARG B 253 18.83 3.02 -31.62
CA ARG B 253 19.42 3.37 -32.90
C ARG B 253 18.73 2.53 -33.97
N ASP B 254 18.43 1.28 -33.62
CA ASP B 254 17.75 0.38 -34.55
C ASP B 254 16.36 0.96 -34.85
N VAL B 255 15.75 1.57 -33.85
CA VAL B 255 14.43 2.18 -34.02
C VAL B 255 14.54 3.40 -34.91
N LEU B 256 15.57 4.22 -34.65
CA LEU B 256 15.80 5.42 -35.44
C LEU B 256 16.07 5.11 -36.91
N GLN B 257 16.69 3.96 -37.16
CA GLN B 257 17.04 3.56 -38.52
C GLN B 257 15.95 2.79 -39.26
N LYS B 258 15.29 1.85 -38.59
CA LYS B 258 14.26 1.06 -39.25
C LYS B 258 12.84 1.48 -38.87
N GLY B 259 12.72 2.51 -38.06
CA GLY B 259 11.41 3.00 -37.64
C GLY B 259 10.42 1.93 -37.24
N GLU B 260 9.25 1.97 -37.87
CA GLU B 260 8.17 1.02 -37.60
C GLU B 260 8.56 -0.42 -37.92
N GLN B 261 9.62 -0.59 -38.71
CA GLN B 261 10.07 -1.92 -39.09
C GLN B 261 11.07 -2.49 -38.09
N SER B 262 11.40 -1.72 -37.06
CA SER B 262 12.35 -2.15 -36.04
C SER B 262 11.81 -3.19 -35.09
N ARG B 263 12.64 -4.19 -34.80
CA ARG B 263 12.29 -5.26 -33.88
C ARG B 263 12.23 -4.73 -32.45
N TYR B 264 12.68 -3.50 -32.25
CA TYR B 264 12.69 -2.90 -30.92
C TYR B 264 11.77 -1.71 -30.70
N LYS B 265 10.87 -1.45 -31.66
CA LYS B 265 9.96 -0.32 -31.53
C LYS B 265 9.17 -0.30 -30.23
N ASP B 266 8.76 -1.47 -29.74
CA ASP B 266 7.97 -1.53 -28.52
C ASP B 266 8.80 -1.49 -27.23
N TRP B 267 10.10 -1.22 -27.37
CA TRP B 267 10.98 -1.10 -26.21
C TRP B 267 10.94 0.36 -25.73
N PHE B 268 10.24 1.19 -26.50
CA PHE B 268 10.13 2.60 -26.16
C PHE B 268 8.69 3.09 -26.30
N PHE B 269 8.48 4.39 -26.10
CA PHE B 269 7.16 5.00 -26.22
C PHE B 269 7.19 5.90 -27.45
N ILE B 270 6.87 5.33 -28.61
CA ILE B 270 6.89 6.09 -29.86
C ILE B 270 5.50 6.42 -30.40
N GLU B 271 5.39 7.54 -31.10
CA GLU B 271 4.12 7.98 -31.65
C GLU B 271 4.02 7.73 -33.17
N ASP B 272 4.63 8.60 -33.98
CA ASP B 272 4.57 8.38 -35.43
C ASP B 272 5.93 8.22 -36.11
N PHE B 273 5.98 7.29 -37.06
CA PHE B 273 7.20 7.01 -37.80
C PHE B 273 7.07 7.82 -39.10
N PRO B 274 8.17 8.44 -39.58
CA PRO B 274 9.55 8.48 -39.09
C PRO B 274 9.72 9.01 -37.66
N VAL B 275 10.66 8.41 -36.94
CA VAL B 275 10.96 8.74 -35.54
C VAL B 275 11.16 10.20 -35.09
N SER B 276 12.39 10.69 -35.02
CA SER B 276 12.57 12.07 -34.54
C SER B 276 12.69 13.14 -35.61
N LYS B 277 11.80 14.14 -35.50
CA LYS B 277 11.73 15.29 -36.39
C LYS B 277 12.93 16.17 -36.15
N THR B 278 13.19 16.41 -34.87
CA THR B 278 14.27 17.24 -34.33
C THR B 278 13.58 18.49 -33.78
N SER B 279 13.79 18.76 -32.50
CA SER B 279 13.22 19.90 -31.78
C SER B 279 11.76 19.70 -31.40
N ARG B 280 11.29 18.47 -31.53
CA ARG B 280 9.92 18.13 -31.17
C ARG B 280 9.72 16.63 -31.20
N THR B 281 10.75 15.90 -30.77
CA THR B 281 10.76 14.43 -30.73
C THR B 281 9.38 13.77 -30.70
N ASN B 282 9.19 12.73 -31.51
CA ASN B 282 7.90 12.09 -31.44
C ASN B 282 7.97 10.76 -30.69
N TYR B 283 8.73 10.78 -29.60
CA TYR B 283 8.87 9.64 -28.71
C TYR B 283 9.04 10.18 -27.29
N GLU B 284 8.40 9.54 -26.31
CA GLU B 284 8.51 10.02 -24.94
C GLU B 284 9.96 9.97 -24.45
N THR B 285 10.36 11.00 -23.72
CA THR B 285 11.72 11.09 -23.19
C THR B 285 11.69 11.43 -21.70
N PHE B 286 12.86 11.45 -21.09
CA PHE B 286 12.96 11.83 -19.70
C PHE B 286 12.53 13.30 -19.71
N ALA B 287 11.81 13.72 -18.67
CA ALA B 287 11.36 15.09 -18.58
C ALA B 287 10.62 15.55 -19.84
N VAL B 288 10.85 16.79 -20.25
CA VAL B 288 10.20 17.33 -21.44
C VAL B 288 11.15 17.51 -22.61
N GLN B 289 10.80 16.89 -23.73
CA GLN B 289 11.59 16.98 -24.96
C GLN B 289 13.09 16.89 -24.74
N VAL B 290 13.54 15.74 -24.25
CA VAL B 290 14.97 15.50 -24.04
C VAL B 290 15.32 14.38 -25.00
N PRO B 291 15.63 14.74 -26.26
CA PRO B 291 15.99 13.82 -27.35
C PRO B 291 17.05 12.77 -27.04
N ALA B 292 18.01 13.12 -26.21
CA ALA B 292 19.07 12.19 -25.86
C ALA B 292 18.63 11.08 -24.90
N MET B 293 17.45 11.23 -24.30
CA MET B 293 16.98 10.23 -23.34
C MET B 293 15.59 9.65 -23.55
N PRO B 294 15.44 8.75 -24.54
CA PRO B 294 14.12 8.15 -24.79
C PRO B 294 13.73 7.24 -23.64
N LYS B 295 12.50 7.38 -23.15
CA LYS B 295 12.01 6.56 -22.06
C LYS B 295 11.95 5.11 -22.46
N LEU B 296 12.34 4.23 -21.53
CA LEU B 296 12.31 2.79 -21.77
C LEU B 296 10.97 2.22 -21.28
N ARG B 297 10.42 1.29 -22.04
CA ARG B 297 9.15 0.67 -21.67
C ARG B 297 9.45 -0.54 -20.79
N THR B 298 9.79 -0.29 -19.53
CA THR B 298 10.12 -1.38 -18.61
C THR B 298 8.99 -2.36 -18.35
N GLU B 299 7.79 -2.05 -18.84
CA GLU B 299 6.65 -2.94 -18.68
C GLU B 299 6.74 -4.06 -19.71
N ASN B 300 7.49 -3.82 -20.76
CA ASN B 300 7.69 -4.82 -21.81
C ASN B 300 8.69 -5.83 -21.23
N PRO B 301 8.29 -7.11 -21.12
CA PRO B 301 9.16 -8.15 -20.56
C PRO B 301 10.52 -8.31 -21.26
N GLU B 302 10.60 -7.87 -22.52
CA GLU B 302 11.86 -7.96 -23.25
C GLU B 302 12.82 -6.90 -22.72
N VAL B 303 12.28 -5.72 -22.41
CA VAL B 303 13.08 -4.64 -21.86
C VAL B 303 13.50 -5.03 -20.44
N LYS B 304 12.56 -5.59 -19.69
CA LYS B 304 12.81 -6.01 -18.32
C LYS B 304 13.91 -7.07 -18.26
N GLU B 305 13.80 -8.09 -19.10
CA GLU B 305 14.79 -9.16 -19.15
C GLU B 305 16.17 -8.61 -19.47
N TYR B 306 16.23 -7.72 -20.45
CA TYR B 306 17.49 -7.12 -20.85
C TYR B 306 18.14 -6.34 -19.71
N LEU B 307 17.36 -5.46 -19.07
CA LEU B 307 17.88 -4.68 -17.95
C LEU B 307 18.24 -5.56 -16.75
N PHE B 308 17.53 -6.68 -16.61
CA PHE B 308 17.84 -7.60 -15.52
C PHE B 308 19.17 -8.31 -15.83
N ASP B 309 19.40 -8.62 -17.11
CA ASP B 309 20.64 -9.26 -17.52
C ASP B 309 21.78 -8.28 -17.25
N VAL B 310 21.52 -7.01 -17.53
CA VAL B 310 22.50 -5.96 -17.29
C VAL B 310 22.89 -5.94 -15.81
N ALA B 311 21.88 -5.86 -14.95
CA ALA B 311 22.11 -5.84 -13.50
C ALA B 311 22.87 -7.07 -13.05
N ARG B 312 22.45 -8.23 -13.53
CA ARG B 312 23.09 -9.50 -13.19
C ARG B 312 24.57 -9.45 -13.51
N PHE B 313 24.88 -9.00 -14.73
CA PHE B 313 26.26 -8.92 -15.16
C PHE B 313 27.13 -8.07 -14.25
N TRP B 314 26.65 -6.90 -13.84
CA TRP B 314 27.46 -6.05 -12.97
C TRP B 314 27.59 -6.56 -11.55
N MET B 315 26.55 -7.24 -11.06
CA MET B 315 26.62 -7.78 -9.70
C MET B 315 27.64 -8.92 -9.71
N GLU B 316 27.85 -9.52 -10.88
CA GLU B 316 28.83 -10.59 -11.01
C GLU B 316 30.23 -9.98 -10.89
N GLN B 317 30.33 -8.68 -11.09
CA GLN B 317 31.62 -8.02 -10.97
C GLN B 317 31.91 -7.73 -9.51
N GLY B 318 30.97 -8.07 -8.64
CA GLY B 318 31.15 -7.88 -7.22
C GLY B 318 30.69 -6.57 -6.57
N ILE B 319 29.77 -5.84 -7.20
CA ILE B 319 29.31 -4.60 -6.59
C ILE B 319 28.41 -4.92 -5.38
N ASP B 320 28.09 -3.90 -4.59
CA ASP B 320 27.29 -4.10 -3.39
C ASP B 320 25.91 -3.47 -3.35
N GLY B 321 25.48 -2.92 -4.48
CA GLY B 321 24.17 -2.30 -4.50
C GLY B 321 23.88 -1.39 -5.67
N TRP B 322 22.68 -0.81 -5.65
CA TRP B 322 22.24 0.08 -6.72
C TRP B 322 21.53 1.35 -6.26
N ARG B 323 21.68 2.40 -7.05
CA ARG B 323 21.03 3.69 -6.83
C ARG B 323 20.16 3.68 -8.08
N LEU B 324 18.84 3.79 -7.92
CA LEU B 324 17.95 3.74 -9.06
C LEU B 324 17.48 5.11 -9.56
N ASN B 325 17.96 5.49 -10.74
CA ASN B 325 17.64 6.79 -11.36
C ASN B 325 16.15 6.90 -11.71
N VAL B 326 15.55 8.04 -11.38
CA VAL B 326 14.13 8.31 -11.65
C VAL B 326 13.30 7.06 -11.38
N ALA B 327 13.61 6.39 -10.28
CA ALA B 327 12.95 5.16 -9.89
C ALA B 327 11.43 5.22 -9.87
N ASN B 328 10.89 6.37 -9.49
CA ASN B 328 9.43 6.51 -9.44
C ASN B 328 8.71 6.54 -10.79
N GLU B 329 9.46 6.47 -11.88
CA GLU B 329 8.83 6.50 -13.20
C GLU B 329 8.96 5.15 -13.91
N VAL B 330 9.43 4.17 -13.15
CA VAL B 330 9.54 2.79 -13.62
C VAL B 330 8.44 2.10 -12.81
N ASP B 331 7.78 1.10 -13.39
CA ASP B 331 6.68 0.43 -12.71
C ASP B 331 7.04 -0.43 -11.49
N HIS B 332 6.10 -0.51 -10.54
CA HIS B 332 6.27 -1.27 -9.31
C HIS B 332 6.57 -2.76 -9.49
N ALA B 333 5.89 -3.41 -10.43
CA ALA B 333 6.12 -4.83 -10.65
C ALA B 333 7.58 -5.01 -11.03
N PHE B 334 8.09 -4.10 -11.86
CA PHE B 334 9.47 -4.18 -12.29
C PHE B 334 10.40 -4.14 -11.09
N TRP B 335 10.12 -3.24 -10.15
CA TRP B 335 10.94 -3.11 -8.96
C TRP B 335 10.80 -4.28 -8.00
N ARG B 336 9.63 -4.89 -7.94
CA ARG B 336 9.42 -6.03 -7.07
C ARG B 336 10.21 -7.22 -7.58
N GLU B 337 10.21 -7.41 -8.90
CA GLU B 337 10.95 -8.53 -9.49
C GLU B 337 12.43 -8.22 -9.39
N PHE B 338 12.77 -6.94 -9.49
CA PHE B 338 14.16 -6.50 -9.39
C PHE B 338 14.71 -6.86 -8.00
N ARG B 339 13.94 -6.57 -6.96
CA ARG B 339 14.38 -6.88 -5.60
C ARG B 339 14.62 -8.38 -5.46
N ARG B 340 13.71 -9.19 -5.99
CA ARG B 340 13.88 -10.65 -5.91
C ARG B 340 15.16 -11.09 -6.61
N LEU B 341 15.42 -10.53 -7.79
CA LEU B 341 16.62 -10.87 -8.54
C LEU B 341 17.87 -10.48 -7.76
N VAL B 342 17.94 -9.21 -7.38
CA VAL B 342 19.10 -8.72 -6.65
C VAL B 342 19.37 -9.48 -5.35
N LYS B 343 18.35 -9.63 -4.51
CA LYS B 343 18.51 -10.31 -3.24
C LYS B 343 18.86 -11.80 -3.36
N SER B 344 18.39 -12.45 -4.42
CA SER B 344 18.69 -13.85 -4.62
C SER B 344 20.17 -13.99 -5.01
N LEU B 345 20.66 -13.03 -5.79
CA LEU B 345 22.05 -13.04 -6.23
C LEU B 345 22.98 -12.61 -5.11
N ASN B 346 22.52 -11.65 -4.31
CA ASN B 346 23.33 -11.12 -3.21
C ASN B 346 22.38 -10.55 -2.16
N PRO B 347 22.12 -11.31 -1.08
CA PRO B 347 21.22 -10.85 0.00
C PRO B 347 21.65 -9.55 0.65
N ASP B 348 22.94 -9.23 0.60
CA ASP B 348 23.46 -8.01 1.18
C ASP B 348 23.56 -6.84 0.21
N ALA B 349 23.06 -7.02 -1.00
CA ALA B 349 23.11 -5.94 -1.99
C ALA B 349 22.03 -4.93 -1.60
N LEU B 350 22.41 -3.66 -1.54
CA LEU B 350 21.50 -2.58 -1.18
C LEU B 350 20.76 -2.04 -2.40
N ILE B 351 19.51 -1.63 -2.21
CA ILE B 351 18.72 -1.06 -3.30
C ILE B 351 18.17 0.28 -2.82
N VAL B 352 18.69 1.36 -3.39
CA VAL B 352 18.27 2.71 -3.02
C VAL B 352 17.58 3.39 -4.20
N GLY B 353 16.34 3.83 -4.01
CA GLY B 353 15.63 4.50 -5.09
C GLY B 353 15.79 6.00 -5.08
N GLU B 354 15.94 6.61 -6.25
CA GLU B 354 16.05 8.06 -6.32
C GLU B 354 14.64 8.58 -6.54
N ILE B 355 14.06 9.12 -5.47
CA ILE B 355 12.70 9.67 -5.48
C ILE B 355 12.77 10.85 -4.52
N TRP B 356 12.32 12.02 -4.98
CA TRP B 356 12.39 13.23 -4.18
C TRP B 356 11.18 13.53 -3.30
N HIS B 357 10.05 12.86 -3.55
CA HIS B 357 8.86 13.12 -2.74
C HIS B 357 8.56 11.94 -1.83
N ASP B 358 7.36 11.92 -1.25
CA ASP B 358 6.94 10.84 -0.35
C ASP B 358 7.14 9.50 -1.07
N ALA B 359 8.09 8.70 -0.60
CA ALA B 359 8.40 7.42 -1.24
C ALA B 359 7.84 6.19 -0.52
N SER B 360 6.88 6.40 0.39
CA SER B 360 6.31 5.29 1.14
C SER B 360 5.80 4.14 0.27
N GLY B 361 5.27 4.47 -0.90
CA GLY B 361 4.78 3.43 -1.80
C GLY B 361 5.85 2.44 -2.26
N TRP B 362 7.12 2.82 -2.16
CA TRP B 362 8.21 1.95 -2.58
C TRP B 362 9.01 1.42 -1.39
N LEU B 363 8.59 1.78 -0.18
CA LEU B 363 9.32 1.39 1.03
C LEU B 363 8.55 0.55 2.05
N MET B 364 7.74 -0.39 1.57
CA MET B 364 7.00 -1.23 2.49
C MET B 364 7.70 -2.59 2.66
N GLY B 365 8.77 -2.79 1.90
CA GLY B 365 9.52 -4.04 2.02
C GLY B 365 9.63 -4.92 0.79
N ASP B 366 8.79 -4.66 -0.22
CA ASP B 366 8.82 -5.49 -1.42
C ASP B 366 9.56 -4.87 -2.62
N GLN B 367 10.08 -3.67 -2.44
CA GLN B 367 10.81 -3.00 -3.53
C GLN B 367 12.19 -2.49 -3.12
N PHE B 368 12.29 -1.23 -2.69
CA PHE B 368 13.59 -0.69 -2.28
C PHE B 368 13.86 -0.84 -0.79
N ASP B 369 15.13 -0.69 -0.41
CA ASP B 369 15.55 -0.75 0.99
C ASP B 369 15.56 0.68 1.54
N SER B 370 15.87 1.63 0.66
CA SER B 370 15.98 3.04 1.02
C SER B 370 15.77 3.94 -0.20
N VAL B 371 15.92 5.25 0.01
CA VAL B 371 15.82 6.23 -1.07
C VAL B 371 16.67 7.44 -0.70
N MET B 372 17.08 8.20 -1.72
CA MET B 372 17.84 9.42 -1.49
C MET B 372 16.81 10.29 -0.79
N ASN B 373 17.03 10.56 0.49
CA ASN B 373 16.08 11.33 1.29
C ASN B 373 16.05 12.83 1.06
N TYR B 374 15.50 13.24 -0.07
CA TYR B 374 15.42 14.66 -0.37
C TYR B 374 14.47 15.38 0.59
N LEU B 375 13.66 14.62 1.31
CA LEU B 375 12.75 15.22 2.29
C LEU B 375 13.59 15.71 3.48
N PHE B 376 14.58 14.90 3.85
CA PHE B 376 15.48 15.25 4.95
C PHE B 376 16.24 16.51 4.52
N ARG B 377 16.71 16.52 3.28
CA ARG B 377 17.45 17.67 2.78
C ARG B 377 16.64 18.97 2.88
N GLU B 378 15.40 18.91 2.42
CA GLU B 378 14.51 20.08 2.45
C GLU B 378 14.39 20.65 3.86
N SER B 379 14.19 19.80 4.85
CA SER B 379 14.08 20.25 6.23
C SER B 379 15.36 20.88 6.74
N VAL B 380 16.51 20.27 6.43
CA VAL B 380 17.79 20.82 6.91
C VAL B 380 18.16 22.10 6.15
N ILE B 381 17.73 22.19 4.90
CA ILE B 381 17.99 23.40 4.11
C ILE B 381 17.31 24.58 4.79
N ARG B 382 16.02 24.44 5.00
CA ARG B 382 15.20 25.47 5.60
C ARG B 382 15.49 25.80 7.06
N PHE B 383 16.08 24.84 7.79
CA PHE B 383 16.39 25.09 9.19
C PHE B 383 17.81 25.65 9.37
N PHE B 384 18.79 25.00 8.75
CA PHE B 384 20.19 25.44 8.90
C PHE B 384 20.67 26.42 7.84
N ALA B 385 20.16 26.29 6.61
CA ALA B 385 20.61 27.16 5.53
C ALA B 385 19.84 28.47 5.35
N THR B 386 18.59 28.39 4.90
CA THR B 386 17.78 29.59 4.69
C THR B 386 17.19 30.21 5.95
N GLY B 387 17.09 29.42 7.02
CA GLY B 387 16.53 29.94 8.25
C GLY B 387 15.04 30.18 8.07
N GLU B 388 14.47 29.55 7.06
CA GLU B 388 13.05 29.68 6.73
C GLU B 388 12.09 29.13 7.80
N ILE B 389 12.56 28.20 8.63
CA ILE B 389 11.71 27.63 9.68
C ILE B 389 12.49 27.60 10.98
N HIS B 390 11.79 27.59 12.11
CA HIS B 390 12.45 27.53 13.41
C HIS B 390 12.53 26.10 13.94
N ALA B 391 13.13 25.96 15.13
CA ALA B 391 13.32 24.66 15.78
C ALA B 391 12.10 23.77 15.95
N GLU B 392 10.99 24.32 16.46
CA GLU B 392 9.80 23.51 16.66
C GLU B 392 9.21 23.00 15.35
N ARG B 393 9.29 23.81 14.30
CA ARG B 393 8.79 23.37 13.01
C ARG B 393 9.78 22.36 12.43
N PHE B 394 11.06 22.55 12.70
CA PHE B 394 12.08 21.62 12.21
C PHE B 394 11.74 20.27 12.82
N ASP B 395 11.48 20.28 14.12
CA ASP B 395 11.12 19.08 14.89
C ASP B 395 9.90 18.40 14.28
N ALA B 396 8.87 19.19 13.99
CA ALA B 396 7.65 18.65 13.43
C ALA B 396 7.89 17.96 12.08
N GLU B 397 8.62 18.62 11.19
CA GLU B 397 8.89 18.04 9.87
C GLU B 397 9.63 16.72 9.97
N LEU B 398 10.66 16.69 10.81
CA LEU B 398 11.46 15.48 11.02
C LEU B 398 10.57 14.34 11.48
N THR B 399 9.77 14.62 12.50
CA THR B 399 8.87 13.64 13.09
C THR B 399 7.82 13.14 12.10
N ARG B 400 7.16 14.08 11.41
CA ARG B 400 6.14 13.72 10.45
C ARG B 400 6.71 12.84 9.34
N ALA B 401 7.90 13.18 8.84
CA ALA B 401 8.53 12.41 7.79
C ALA B 401 8.92 11.00 8.28
N ARG B 402 9.41 10.94 9.52
CA ARG B 402 9.83 9.69 10.13
C ARG B 402 8.66 8.71 10.28
N MET B 403 7.45 9.24 10.44
CA MET B 403 6.27 8.40 10.61
C MET B 403 5.66 7.94 9.28
N LEU B 404 6.21 8.44 8.17
CA LEU B 404 5.72 8.08 6.84
C LEU B 404 6.11 6.68 6.40
N TYR B 405 7.23 6.19 6.90
CA TYR B 405 7.73 4.88 6.49
C TYR B 405 7.90 3.93 7.66
N PRO B 406 8.07 2.63 7.37
CA PRO B 406 8.28 1.64 8.42
C PRO B 406 9.68 1.93 8.94
N GLU B 407 9.94 1.61 10.21
CA GLU B 407 11.25 1.86 10.80
C GLU B 407 12.44 1.30 10.00
N GLN B 408 12.27 0.13 9.38
CA GLN B 408 13.37 -0.48 8.63
C GLN B 408 13.85 0.39 7.46
N ALA B 409 12.93 1.18 6.90
CA ALA B 409 13.27 2.06 5.80
C ALA B 409 13.90 3.34 6.38
N ALA B 410 13.24 3.90 7.38
CA ALA B 410 13.71 5.12 8.03
C ALA B 410 15.15 5.00 8.52
N GLN B 411 15.47 3.86 9.12
CA GLN B 411 16.81 3.61 9.65
C GLN B 411 17.92 3.65 8.58
N GLY B 412 17.56 3.40 7.32
CA GLY B 412 18.57 3.39 6.28
C GLY B 412 18.44 4.44 5.18
N LEU B 413 17.60 5.45 5.40
CA LEU B 413 17.42 6.50 4.40
C LEU B 413 18.72 7.27 4.15
N TRP B 414 19.02 7.51 2.88
CA TRP B 414 20.22 8.23 2.53
C TRP B 414 20.00 9.72 2.77
N ASN B 415 20.45 10.19 3.92
CA ASN B 415 20.30 11.59 4.29
C ASN B 415 21.43 12.43 3.72
N LEU B 416 21.11 13.15 2.64
CA LEU B 416 22.06 14.02 1.95
C LEU B 416 21.79 15.51 2.23
N LEU B 417 22.80 16.34 1.99
CA LEU B 417 22.66 17.78 2.19
C LEU B 417 22.49 18.42 0.81
N ASP B 418 22.99 17.69 -0.20
CA ASP B 418 22.99 18.13 -1.59
C ASP B 418 23.38 16.96 -2.48
N SER B 419 23.50 17.21 -3.78
CA SER B 419 23.90 16.19 -4.75
C SER B 419 24.33 16.89 -6.04
N HIS B 420 24.56 16.11 -7.08
CA HIS B 420 24.97 16.66 -8.37
C HIS B 420 23.82 17.37 -9.08
N ASP B 421 22.66 17.40 -8.44
CA ASP B 421 21.49 18.06 -9.02
C ASP B 421 21.06 19.28 -8.21
N THR B 422 21.89 19.71 -7.27
CA THR B 422 21.55 20.87 -6.45
C THR B 422 22.78 21.73 -6.21
N GLU B 423 22.57 22.91 -5.65
CA GLU B 423 23.68 23.80 -5.33
C GLU B 423 24.34 23.12 -4.12
N ARG B 424 25.62 23.40 -3.87
CA ARG B 424 26.28 22.79 -2.73
C ARG B 424 25.75 23.42 -1.43
N PHE B 425 25.60 22.59 -0.40
CA PHE B 425 25.06 23.05 0.88
C PHE B 425 25.81 24.26 1.45
N LEU B 426 27.12 24.30 1.28
CA LEU B 426 27.88 25.44 1.80
C LEU B 426 27.34 26.71 1.15
N THR B 427 27.08 26.62 -0.16
CA THR B 427 26.52 27.75 -0.91
C THR B 427 25.10 28.05 -0.38
N SER B 428 24.35 27.00 -0.07
CA SER B 428 22.99 27.19 0.45
C SER B 428 23.08 27.98 1.76
N CYS B 429 24.16 27.77 2.50
CA CYS B 429 24.38 28.48 3.76
C CYS B 429 25.01 29.86 3.54
N GLY B 430 25.12 30.26 2.28
CA GLY B 430 25.72 31.56 1.97
C GLY B 430 27.17 31.65 2.40
N GLY B 431 27.90 30.53 2.35
CA GLY B 431 29.29 30.53 2.72
C GLY B 431 29.58 30.46 4.22
N ASN B 432 28.54 30.48 5.04
CA ASN B 432 28.73 30.42 6.50
C ASN B 432 29.12 29.00 6.93
N GLU B 433 30.39 28.81 7.31
CA GLU B 433 30.87 27.49 7.73
C GLU B 433 30.28 27.02 9.06
N ALA B 434 29.90 27.97 9.91
CA ALA B 434 29.32 27.64 11.21
C ALA B 434 27.97 26.95 11.03
N LYS B 435 27.18 27.43 10.07
CA LYS B 435 25.88 26.85 9.79
C LYS B 435 26.06 25.50 9.10
N PHE B 436 27.02 25.45 8.19
CA PHE B 436 27.32 24.23 7.46
C PHE B 436 27.70 23.10 8.42
N ARG B 437 28.58 23.41 9.37
CA ARG B 437 29.02 22.42 10.34
C ARG B 437 27.91 21.90 11.24
N LEU B 438 27.03 22.78 11.69
CA LEU B 438 25.94 22.34 12.55
C LEU B 438 25.08 21.34 11.79
N ALA B 439 24.83 21.64 10.52
CA ALA B 439 24.02 20.77 9.67
C ALA B 439 24.67 19.41 9.51
N VAL B 440 25.99 19.40 9.33
CA VAL B 440 26.73 18.14 9.16
C VAL B 440 26.71 17.35 10.47
N LEU B 441 26.82 18.06 11.59
CA LEU B 441 26.78 17.39 12.89
C LEU B 441 25.42 16.69 12.99
N PHE B 442 24.37 17.38 12.57
CA PHE B 442 23.03 16.82 12.59
C PHE B 442 22.94 15.62 11.67
N GLN B 443 23.45 15.77 10.45
CA GLN B 443 23.44 14.69 9.46
C GLN B 443 24.14 13.43 9.99
N MET B 444 25.24 13.63 10.72
CA MET B 444 26.02 12.52 11.25
C MET B 444 25.50 11.87 12.52
N THR B 445 24.54 12.49 13.19
CA THR B 445 24.01 11.93 14.42
C THR B 445 22.53 11.57 14.37
N TYR B 446 21.85 11.98 13.31
CA TYR B 446 20.42 11.70 13.18
C TYR B 446 20.14 10.31 12.62
N LEU B 447 18.90 9.86 12.76
CA LEU B 447 18.50 8.55 12.26
C LEU B 447 18.59 8.49 10.74
N GLY B 448 19.37 7.54 10.23
CA GLY B 448 19.51 7.38 8.80
C GLY B 448 20.94 7.17 8.38
N THR B 449 21.18 7.09 7.07
CA THR B 449 22.53 6.87 6.55
C THR B 449 23.09 8.15 5.92
N PRO B 450 24.17 8.69 6.50
CA PRO B 450 24.77 9.91 5.94
C PRO B 450 25.33 9.70 4.52
N LEU B 451 25.01 10.63 3.62
CA LEU B 451 25.52 10.59 2.25
C LEU B 451 26.30 11.89 2.06
N ILE B 452 27.61 11.78 1.83
CA ILE B 452 28.47 12.94 1.64
C ILE B 452 28.72 13.17 0.16
N TYR B 453 28.55 14.41 -0.29
CA TYR B 453 28.78 14.76 -1.69
C TYR B 453 30.26 15.12 -1.84
N TYR B 454 30.96 14.45 -2.76
CA TYR B 454 32.39 14.65 -2.95
C TYR B 454 32.82 16.12 -2.92
N GLY B 455 33.78 16.41 -2.05
CA GLY B 455 34.27 17.78 -1.96
C GLY B 455 33.69 18.62 -0.85
N ASP B 456 32.48 18.28 -0.40
CA ASP B 456 31.87 19.03 0.69
C ASP B 456 32.73 18.93 1.94
N GLU B 457 33.40 17.80 2.12
CA GLU B 457 34.22 17.58 3.31
C GLU B 457 35.46 18.46 3.42
N ILE B 458 35.86 19.08 2.31
CA ILE B 458 37.01 19.97 2.35
C ILE B 458 36.68 21.40 1.93
N GLY B 459 35.42 21.79 2.13
CA GLY B 459 35.00 23.14 1.83
C GLY B 459 34.60 23.56 0.42
N MET B 460 34.40 22.62 -0.49
CA MET B 460 34.01 23.01 -1.83
C MET B 460 32.64 23.66 -1.86
N ALA B 461 32.47 24.61 -2.76
CA ALA B 461 31.21 25.34 -2.91
C ALA B 461 30.79 25.37 -4.37
N GLY B 462 29.61 25.92 -4.63
CA GLY B 462 29.14 25.99 -6.00
C GLY B 462 27.63 26.07 -6.15
N ALA B 463 27.20 26.63 -7.28
CA ALA B 463 25.77 26.75 -7.58
C ALA B 463 25.30 25.39 -8.08
N THR B 464 24.04 25.29 -8.46
CA THR B 464 23.50 24.02 -8.93
C THR B 464 24.08 23.61 -10.29
N ASP B 465 23.71 22.41 -10.73
CA ASP B 465 24.15 21.83 -11.99
C ASP B 465 24.26 22.91 -13.07
N PRO B 466 25.44 23.02 -13.72
CA PRO B 466 26.67 22.23 -13.54
C PRO B 466 27.73 22.79 -12.59
N ASP B 467 27.45 23.91 -11.93
CA ASP B 467 28.45 24.48 -11.04
C ASP B 467 28.76 23.67 -9.77
N CYS B 468 27.91 22.68 -9.46
CA CYS B 468 28.13 21.84 -8.29
C CYS B 468 29.02 20.67 -8.67
N ARG B 469 29.40 20.60 -9.94
CA ARG B 469 30.24 19.50 -10.41
C ARG B 469 31.66 19.95 -10.79
N ARG B 470 32.22 20.86 -9.99
CA ARG B 470 33.57 21.36 -10.24
C ARG B 470 34.62 20.32 -9.91
N PRO B 471 35.80 20.40 -10.55
CA PRO B 471 36.90 19.46 -10.32
C PRO B 471 37.22 19.40 -8.83
N MET B 472 37.31 18.19 -8.28
CA MET B 472 37.62 18.02 -6.87
C MET B 472 38.91 18.75 -6.50
N ILE B 473 38.90 19.47 -5.39
CA ILE B 473 40.09 20.19 -4.95
C ILE B 473 40.99 19.23 -4.18
N TRP B 474 42.14 18.91 -4.76
CA TRP B 474 43.11 18.00 -4.14
C TRP B 474 44.27 18.75 -3.50
N GLU B 475 44.52 19.97 -3.95
CA GLU B 475 45.62 20.77 -3.41
C GLU B 475 45.47 20.95 -1.91
N GLU B 476 46.39 20.34 -1.16
CA GLU B 476 46.40 20.42 0.30
C GLU B 476 46.07 21.82 0.81
N LYS B 477 46.85 22.79 0.37
CA LYS B 477 46.69 24.18 0.79
C LYS B 477 45.35 24.78 0.42
N GLU B 478 44.64 24.17 -0.53
CA GLU B 478 43.35 24.69 -0.96
C GLU B 478 42.16 23.99 -0.31
N GLN B 479 42.41 22.92 0.43
CA GLN B 479 41.35 22.17 1.10
C GLN B 479 41.17 22.68 2.52
N ASN B 480 39.94 22.63 3.01
CA ASN B 480 39.64 23.06 4.37
C ASN B 480 39.88 21.84 5.25
N ARG B 481 41.13 21.64 5.67
CA ARG B 481 41.48 20.48 6.49
C ARG B 481 40.82 20.49 7.85
N GLY B 482 40.46 21.68 8.33
CA GLY B 482 39.80 21.78 9.62
C GLY B 482 38.46 21.07 9.51
N LEU B 483 37.78 21.29 8.39
CA LEU B 483 36.48 20.67 8.13
C LEU B 483 36.66 19.17 7.92
N PHE B 484 37.69 18.79 7.19
CA PHE B 484 37.99 17.38 6.93
C PHE B 484 38.09 16.62 8.24
N GLU B 485 38.86 17.16 9.18
CA GLU B 485 39.06 16.55 10.48
C GLU B 485 37.75 16.54 11.29
N PHE B 486 36.89 17.52 11.05
CA PHE B 486 35.61 17.59 11.75
C PHE B 486 34.77 16.41 11.25
N TYR B 487 34.75 16.22 9.93
CA TYR B 487 34.02 15.12 9.34
C TYR B 487 34.55 13.79 9.86
N LYS B 488 35.89 13.66 9.83
CA LYS B 488 36.54 12.43 10.29
C LYS B 488 36.16 12.06 11.72
N GLU B 489 36.10 13.03 12.61
CA GLU B 489 35.75 12.75 13.99
C GLU B 489 34.30 12.28 14.13
N LEU B 490 33.38 12.97 13.46
CA LEU B 490 31.97 12.61 13.51
C LEU B 490 31.75 11.20 12.98
N ILE B 491 32.46 10.85 11.91
CA ILE B 491 32.34 9.52 11.33
C ILE B 491 32.79 8.48 12.36
N ARG B 492 33.90 8.77 13.05
CA ARG B 492 34.42 7.85 14.05
C ARG B 492 33.43 7.69 15.20
N LEU B 493 32.85 8.81 15.63
CA LEU B 493 31.88 8.76 16.73
C LEU B 493 30.66 7.94 16.34
N ARG B 494 30.21 8.11 15.10
CA ARG B 494 29.05 7.38 14.62
C ARG B 494 29.30 5.88 14.76
N HIS B 495 30.53 5.46 14.46
CA HIS B 495 30.89 4.06 14.56
C HIS B 495 31.15 3.61 16.00
N ARG B 496 31.49 4.54 16.88
CA ARG B 496 31.77 4.19 18.28
C ARG B 496 30.54 4.15 19.17
N LEU B 497 29.51 4.90 18.80
CA LEU B 497 28.27 4.95 19.58
C LEU B 497 27.15 4.20 18.87
N ALA B 498 26.85 3.00 19.34
CA ALA B 498 25.82 2.15 18.77
C ALA B 498 24.48 2.82 18.54
N SER B 499 24.09 3.72 19.45
CA SER B 499 22.80 4.38 19.31
C SER B 499 22.73 5.29 18.10
N LEU B 500 23.87 5.77 17.61
CA LEU B 500 23.85 6.67 16.45
C LEU B 500 23.60 5.96 15.12
N THR B 501 23.73 4.63 15.10
CA THR B 501 23.48 3.89 13.86
C THR B 501 22.33 2.90 14.00
N ARG B 502 22.04 2.48 15.23
CA ARG B 502 20.98 1.50 15.44
C ARG B 502 19.96 1.90 16.50
N GLY B 503 20.04 3.14 16.96
CA GLY B 503 19.09 3.57 17.96
C GLY B 503 17.87 4.20 17.33
N ASN B 504 16.83 4.44 18.14
CA ASN B 504 15.65 5.10 17.62
C ASN B 504 15.95 6.58 17.82
N VAL B 505 14.96 7.44 17.58
CA VAL B 505 15.14 8.86 17.79
C VAL B 505 13.94 9.43 18.50
N ARG B 506 14.18 10.32 19.43
CA ARG B 506 13.12 10.98 20.18
C ARG B 506 13.53 12.43 20.35
N SER B 507 12.59 13.34 20.17
CA SER B 507 12.89 14.75 20.32
C SER B 507 13.07 14.99 21.81
N TRP B 508 14.09 15.77 22.16
CA TRP B 508 14.42 16.04 23.55
C TRP B 508 14.00 17.45 23.95
N HIS B 509 14.23 18.40 23.06
CA HIS B 509 13.89 19.79 23.33
C HIS B 509 13.76 20.58 22.03
N ALA B 510 12.77 21.46 21.98
CA ALA B 510 12.53 22.28 20.80
C ALA B 510 11.97 23.64 21.22
N ASP B 511 12.77 24.69 21.01
CA ASP B 511 12.41 26.05 21.38
C ASP B 511 12.46 26.96 20.16
N LYS B 512 11.30 27.39 19.68
CA LYS B 512 11.21 28.25 18.51
C LYS B 512 11.81 29.64 18.78
N GLN B 513 11.84 30.03 20.05
CA GLN B 513 12.39 31.32 20.44
C GLN B 513 13.91 31.34 20.40
N ALA B 514 14.52 30.33 21.01
CA ALA B 514 15.98 30.23 21.05
C ALA B 514 16.49 29.49 19.81
N ASN B 515 15.56 28.95 19.03
CA ASN B 515 15.87 28.16 17.84
C ASN B 515 16.90 27.09 18.18
N LEU B 516 16.68 26.45 19.32
CA LEU B 516 17.55 25.38 19.78
C LEU B 516 16.75 24.07 19.68
N TYR B 517 17.38 23.05 19.11
CA TYR B 517 16.75 21.74 18.97
C TYR B 517 17.65 20.64 19.49
N ALA B 518 17.05 19.71 20.24
CA ALA B 518 17.80 18.59 20.80
C ALA B 518 17.01 17.31 20.66
N PHE B 519 17.71 16.22 20.36
CA PHE B 519 17.08 14.92 20.24
C PHE B 519 17.98 13.88 20.90
N VAL B 520 17.42 12.70 21.13
CA VAL B 520 18.16 11.62 21.76
C VAL B 520 18.09 10.33 20.94
N ARG B 521 19.25 9.71 20.75
CA ARG B 521 19.35 8.45 20.03
C ARG B 521 19.45 7.39 21.12
N THR B 522 18.67 6.32 21.01
CA THR B 522 18.67 5.27 22.02
C THR B 522 18.68 3.83 21.53
N VAL B 523 19.52 3.02 22.18
CA VAL B 523 19.62 1.59 21.90
C VAL B 523 19.99 0.95 23.25
N GLN B 524 19.13 0.07 23.74
CA GLN B 524 19.32 -0.56 25.02
C GLN B 524 19.35 0.53 26.10
N ASP B 525 20.42 0.54 26.90
CA ASP B 525 20.56 1.53 27.95
C ASP B 525 21.35 2.76 27.52
N GLN B 526 21.91 2.70 26.31
CA GLN B 526 22.69 3.84 25.83
C GLN B 526 21.82 4.97 25.30
N HIS B 527 22.15 6.18 25.74
CA HIS B 527 21.46 7.38 25.30
C HIS B 527 22.51 8.35 24.83
N VAL B 528 22.30 8.93 23.65
CA VAL B 528 23.19 9.93 23.13
C VAL B 528 22.32 11.11 22.75
N GLY B 529 22.50 12.21 23.48
CA GLY B 529 21.72 13.40 23.23
C GLY B 529 22.47 14.42 22.39
N VAL B 530 21.85 14.84 21.30
CA VAL B 530 22.45 15.83 20.41
C VAL B 530 21.72 17.15 20.61
N VAL B 531 22.48 18.17 21.03
CA VAL B 531 21.91 19.48 21.29
C VAL B 531 22.47 20.46 20.27
N LEU B 532 21.57 21.07 19.50
CA LEU B 532 21.99 22.02 18.47
C LEU B 532 21.52 23.44 18.75
N ASN B 533 22.47 24.36 18.84
CA ASN B 533 22.16 25.77 19.07
C ASN B 533 22.22 26.47 17.71
N ASN B 534 21.17 26.29 16.93
CA ASN B 534 21.10 26.88 15.60
C ASN B 534 20.77 28.36 15.66
N ARG B 535 21.62 29.11 16.34
CA ARG B 535 21.43 30.55 16.50
C ARG B 535 22.79 31.23 16.62
N GLY B 536 22.89 32.43 16.06
CA GLY B 536 24.14 33.17 16.10
C GLY B 536 24.40 33.86 17.44
N GLU B 537 23.98 33.22 18.52
CA GLU B 537 24.18 33.76 19.86
C GLU B 537 24.44 32.68 20.88
N LYS B 538 25.26 33.01 21.88
CA LYS B 538 25.57 32.10 22.96
C LYS B 538 24.32 32.05 23.84
N GLN B 539 23.80 30.85 24.09
CA GLN B 539 22.59 30.73 24.90
C GLN B 539 22.70 29.64 25.95
N THR B 540 21.87 29.75 26.98
CA THR B 540 21.82 28.77 28.05
C THR B 540 20.44 28.11 27.99
N VAL B 541 20.42 26.79 28.05
CA VAL B 541 19.15 26.06 27.99
C VAL B 541 19.03 25.07 29.13
N LEU B 542 17.78 24.81 29.52
CA LEU B 542 17.49 23.86 30.58
C LEU B 542 16.74 22.68 29.99
N LEU B 543 17.36 21.50 30.04
CA LEU B 543 16.74 20.30 29.50
C LEU B 543 16.26 19.37 30.59
N GLN B 544 15.17 18.66 30.31
CA GLN B 544 14.61 17.72 31.28
C GLN B 544 15.42 16.43 31.21
N VAL B 545 15.88 15.95 32.36
CA VAL B 545 16.66 14.74 32.40
C VAL B 545 16.31 13.84 33.59
N PRO B 546 15.24 13.05 33.47
CA PRO B 546 14.87 12.16 34.58
C PRO B 546 15.98 11.17 34.88
N GLU B 547 16.46 11.21 36.12
CA GLU B 547 17.56 10.36 36.60
C GLU B 547 17.67 8.93 36.05
N SER B 548 16.55 8.31 35.71
CA SER B 548 16.61 6.95 35.18
C SER B 548 17.49 6.85 33.93
N GLY B 549 17.67 7.97 33.24
CA GLY B 549 18.49 7.97 32.04
C GLY B 549 19.94 8.35 32.27
N GLY B 550 20.25 8.81 33.48
CA GLY B 550 21.62 9.19 33.80
C GLY B 550 21.67 10.51 34.55
N LYS B 551 22.80 10.75 35.23
CA LYS B 551 23.02 11.95 36.01
C LYS B 551 24.13 12.80 35.40
N THR B 552 25.01 12.15 34.65
CA THR B 552 26.13 12.84 34.05
C THR B 552 26.35 12.37 32.61
N TRP B 553 26.85 13.26 31.77
CA TRP B 553 27.09 12.94 30.37
C TRP B 553 28.44 13.46 29.91
N LEU B 554 28.96 12.83 28.86
CA LEU B 554 30.23 13.23 28.28
C LEU B 554 29.97 13.80 26.89
N ASP B 555 30.36 15.05 26.68
CA ASP B 555 30.20 15.69 25.37
C ASP B 555 31.35 15.10 24.57
N CYS B 556 31.05 14.10 23.76
CA CYS B 556 32.06 13.42 22.98
C CYS B 556 32.85 14.27 22.00
N LEU B 557 32.46 15.54 21.82
CA LEU B 557 33.17 16.43 20.91
C LEU B 557 34.23 17.27 21.62
N THR B 558 34.11 17.38 22.94
CA THR B 558 35.06 18.19 23.70
C THR B 558 35.68 17.49 24.90
N GLY B 559 35.06 16.42 25.37
CA GLY B 559 35.58 15.72 26.53
C GLY B 559 35.03 16.33 27.81
N GLU B 560 34.16 17.32 27.65
CA GLU B 560 33.56 17.95 28.81
C GLU B 560 32.53 17.04 29.46
N GLU B 561 32.49 17.07 30.78
CA GLU B 561 31.55 16.27 31.53
C GLU B 561 30.51 17.22 32.09
N VAL B 562 29.24 16.94 31.85
CA VAL B 562 28.17 17.80 32.35
C VAL B 562 27.29 16.99 33.29
N HIS B 563 26.75 17.66 34.31
CA HIS B 563 25.92 16.97 35.29
C HIS B 563 24.54 17.56 35.46
N GLY B 564 23.57 16.69 35.66
CA GLY B 564 22.22 17.15 35.86
C GLY B 564 21.93 17.16 37.35
N LYS B 565 21.00 18.02 37.75
CA LYS B 565 20.61 18.10 39.15
C LYS B 565 19.10 18.20 39.26
N GLN B 566 18.52 17.28 40.03
CA GLN B 566 17.08 17.25 40.23
C GLN B 566 16.32 17.11 38.93
N GLY B 567 16.79 16.21 38.06
CA GLY B 567 16.14 15.97 36.80
C GLY B 567 16.28 17.08 35.78
N GLN B 568 17.22 18.00 36.01
CA GLN B 568 17.44 19.09 35.07
C GLN B 568 18.90 19.24 34.70
N LEU B 569 19.15 19.56 33.44
CA LEU B 569 20.51 19.73 32.93
C LEU B 569 20.62 21.14 32.35
N LYS B 570 21.60 21.90 32.85
CA LYS B 570 21.82 23.26 32.37
C LYS B 570 23.03 23.28 31.43
N LEU B 571 22.82 23.74 30.20
CA LEU B 571 23.90 23.79 29.22
C LEU B 571 24.01 25.18 28.59
N THR B 572 25.25 25.60 28.36
CA THR B 572 25.50 26.88 27.72
C THR B 572 26.25 26.57 26.43
N LEU B 573 25.68 26.98 25.29
CA LEU B 573 26.29 26.71 24.00
C LEU B 573 26.69 27.97 23.25
N ARG B 574 27.83 27.92 22.57
CA ARG B 574 28.31 29.05 21.79
C ARG B 574 27.48 29.11 20.49
N PRO B 575 27.59 30.20 19.74
CA PRO B 575 26.83 30.32 18.50
C PRO B 575 27.05 29.11 17.59
N TYR B 576 25.95 28.55 17.10
CA TYR B 576 25.99 27.38 16.21
C TYR B 576 26.76 26.18 16.73
N GLN B 577 26.89 26.08 18.05
CA GLN B 577 27.59 24.95 18.64
C GLN B 577 26.64 23.77 18.82
N GLY B 578 27.18 22.57 18.66
CA GLY B 578 26.39 21.36 18.83
C GLY B 578 27.12 20.48 19.83
N MET B 579 26.36 19.75 20.66
CA MET B 579 26.94 18.86 21.66
C MET B 579 26.44 17.44 21.46
N ILE B 580 27.32 16.47 21.67
CA ILE B 580 26.96 15.06 21.54
C ILE B 580 27.18 14.42 22.92
N LEU B 581 26.10 14.38 23.70
CA LEU B 581 26.16 13.88 25.08
C LEU B 581 25.82 12.39 25.29
N TRP B 582 26.86 11.63 25.57
CA TRP B 582 26.75 10.20 25.81
C TRP B 582 26.53 9.95 27.32
N ASN B 583 25.52 9.14 27.66
CA ASN B 583 25.21 8.86 29.06
C ASN B 583 26.12 7.79 29.68
N GLY B 584 27.17 7.41 28.97
CA GLY B 584 28.11 6.44 29.51
C GLY B 584 27.68 4.98 29.46
N ARG B 585 26.58 4.67 28.76
CA ARG B 585 26.09 3.30 28.66
C ARG B 585 26.16 2.75 27.24
#